data_2V57
#
_entry.id   2V57
#
_cell.length_a   48.300
_cell.length_b   62.440
_cell.length_c   70.640
_cell.angle_alpha   63.88
_cell.angle_beta   88.34
_cell.angle_gamma   88.13
#
_symmetry.space_group_name_H-M   'P 1'
#
loop_
_entity.id
_entity.type
_entity.pdbx_description
1 polymer 'TETR FAMILY TRANSCRIPTIONAL REPRESSOR LFRR'
2 non-polymer PROFLAVIN
3 non-polymer 'ISOPROPYL ALCOHOL'
4 non-polymer 'SULFATE ION'
5 water water
#
_entity_poly.entity_id   1
_entity_poly.type   'polypeptide(L)'
_entity_poly.pdbx_seq_one_letter_code
;GMTSPSIESGARERTRRAILDAAMLVLADHPTAALGDIAAAAGVGRSTVHRYYPERTDLLRALARHVHDLSNAAIERADP
TSGPVDAALRRVVESQLDLGPIVLFVYYEPSILADPELAAYFDIGDEAIVEVLNRASTERPEYPPGWARRVFWALMQAGY
EAAKDGMPRHQIVDAIMTSLTSGIITLPRT
;
_entity_poly.pdbx_strand_id   A,B,C,D
#
# COMPACT_ATOMS: atom_id res chain seq x y z
N GLU A 13 23.20 -5.79 -9.32
CA GLU A 13 22.37 -5.65 -8.12
C GLU A 13 23.20 -5.60 -6.83
N ARG A 14 24.20 -6.46 -6.71
CA ARG A 14 25.09 -6.42 -5.55
C ARG A 14 25.82 -5.07 -5.43
N THR A 15 26.37 -4.58 -6.54
CA THR A 15 27.11 -3.32 -6.51
C THR A 15 26.19 -2.17 -6.15
N ARG A 16 25.00 -2.15 -6.75
CA ARG A 16 24.00 -1.15 -6.45
C ARG A 16 23.67 -1.20 -4.96
N ARG A 17 23.51 -2.40 -4.43
CA ARG A 17 23.24 -2.53 -3.01
C ARG A 17 24.40 -2.01 -2.16
N ALA A 18 25.63 -2.30 -2.58
CA ALA A 18 26.78 -1.86 -1.78
C ALA A 18 26.79 -0.36 -1.71
N ILE A 19 26.52 0.29 -2.85
CA ILE A 19 26.51 1.75 -2.92
C ILE A 19 25.43 2.38 -2.03
N LEU A 20 24.22 1.86 -2.13
CA LEU A 20 23.11 2.40 -1.35
C LEU A 20 23.25 2.14 0.16
N ASP A 21 23.77 0.97 0.53
CA ASP A 21 24.04 0.72 1.94
C ASP A 21 25.10 1.70 2.45
N ALA A 22 26.13 1.94 1.64
CA ALA A 22 27.19 2.84 2.04
C ALA A 22 26.64 4.26 2.18
N ALA A 23 25.71 4.62 1.28
CA ALA A 23 25.08 5.92 1.35
C ALA A 23 24.31 6.04 2.66
N MET A 24 23.56 4.99 3.01
CA MET A 24 22.82 4.99 4.28
C MET A 24 23.75 5.18 5.47
N LEU A 25 24.84 4.39 5.50
CA LEU A 25 25.78 4.42 6.61
C LEU A 25 26.46 5.76 6.73
N VAL A 26 26.90 6.28 5.59
CA VAL A 26 27.66 7.51 5.59
C VAL A 26 26.80 8.77 5.79
N LEU A 27 25.72 8.88 5.03
CA LEU A 27 24.96 10.12 5.07
C LEU A 27 24.18 10.27 6.38
N ALA A 28 23.88 9.15 7.04
CA ALA A 28 23.18 9.21 8.32
C ALA A 28 23.95 10.03 9.35
N ASP A 29 25.27 10.01 9.24
CA ASP A 29 26.13 10.71 10.20
C ASP A 29 26.77 11.95 9.61
N HIS A 30 26.99 11.92 8.29
CA HIS A 30 27.69 13.00 7.59
C HIS A 30 26.92 13.38 6.33
N PRO A 31 25.84 14.16 6.50
CA PRO A 31 24.90 14.47 5.42
C PRO A 31 25.48 15.24 4.26
N THR A 32 26.66 15.84 4.45
CA THR A 32 27.28 16.57 3.37
C THR A 32 28.46 15.79 2.79
N ALA A 33 28.59 14.52 3.15
CA ALA A 33 29.74 13.72 2.71
C ALA A 33 29.92 13.74 1.19
N ALA A 34 31.17 13.76 0.75
CA ALA A 34 31.50 13.70 -0.66
C ALA A 34 31.16 12.33 -1.24
N LEU A 35 30.89 12.28 -2.53
CA LEU A 35 30.59 11.02 -3.18
C LEU A 35 31.77 10.07 -3.04
N GLY A 36 32.95 10.64 -2.89
CA GLY A 36 34.16 9.86 -2.65
C GLY A 36 34.06 9.07 -1.36
N ASP A 37 33.53 9.69 -0.31
CA ASP A 37 33.38 9.02 0.97
C ASP A 37 32.38 7.88 0.89
N ILE A 38 31.33 8.09 0.12
CA ILE A 38 30.33 7.05 -0.07
C ILE A 38 30.89 5.89 -0.87
N ALA A 39 31.58 6.19 -1.96
CA ALA A 39 32.23 5.15 -2.78
C ALA A 39 33.18 4.31 -1.94
N ALA A 40 34.04 4.98 -1.18
CA ALA A 40 35.01 4.26 -0.35
C ALA A 40 34.33 3.30 0.62
N ALA A 41 33.25 3.77 1.25
CA ALA A 41 32.53 2.94 2.23
C ALA A 41 31.87 1.74 1.58
N ALA A 42 31.64 1.83 0.28
CA ALA A 42 31.00 0.74 -0.46
C ALA A 42 32.05 -0.19 -1.06
N GLY A 43 33.31 0.21 -1.00
CA GLY A 43 34.36 -0.62 -1.55
C GLY A 43 34.51 -0.44 -3.04
N VAL A 44 34.01 0.69 -3.57
CA VAL A 44 34.04 0.94 -5.01
C VAL A 44 34.64 2.31 -5.32
N GLY A 45 35.05 2.51 -6.57
CA GLY A 45 35.57 3.81 -6.98
C GLY A 45 34.47 4.81 -7.30
N ARG A 46 34.83 6.08 -7.39
CA ARG A 46 33.86 7.12 -7.79
C ARG A 46 33.19 6.84 -9.14
N SER A 47 33.96 6.38 -10.12
CA SER A 47 33.41 6.16 -11.44
C SER A 47 32.30 5.11 -11.37
N THR A 48 32.45 4.16 -10.45
CA THR A 48 31.43 3.15 -10.25
C THR A 48 30.11 3.80 -9.84
N VAL A 49 30.15 4.64 -8.80
CA VAL A 49 28.94 5.31 -8.33
C VAL A 49 28.30 6.12 -9.47
N HIS A 50 29.17 6.83 -10.19
CA HIS A 50 28.78 7.68 -11.30
C HIS A 50 28.04 6.88 -12.37
N ARG A 51 28.51 5.67 -12.62
CA ARG A 51 27.94 4.83 -13.66
C ARG A 51 26.49 4.48 -13.34
N TYR A 52 26.18 4.32 -12.06
CA TYR A 52 24.81 4.06 -11.62
C TYR A 52 24.04 5.34 -11.38
N TYR A 53 24.70 6.35 -10.84
CA TYR A 53 24.05 7.58 -10.42
C TYR A 53 24.88 8.78 -10.88
N PRO A 54 24.60 9.26 -12.10
CA PRO A 54 25.35 10.36 -12.75
C PRO A 54 25.39 11.64 -11.92
N GLU A 55 24.32 11.91 -11.17
CA GLU A 55 24.28 13.11 -10.34
C GLU A 55 23.91 12.78 -8.89
N ARG A 56 24.32 13.64 -7.97
CA ARG A 56 24.09 13.41 -6.55
C ARG A 56 22.62 13.21 -6.28
N THR A 57 21.80 13.98 -6.98
CA THR A 57 20.36 13.87 -6.81
C THR A 57 19.88 12.48 -7.17
N ASP A 58 20.43 11.91 -8.25
CA ASP A 58 20.11 10.54 -8.63
C ASP A 58 20.35 9.57 -7.49
N LEU A 59 21.53 9.69 -6.88
CA LEU A 59 21.90 8.81 -5.77
C LEU A 59 20.97 9.01 -4.59
N LEU A 60 20.67 10.26 -4.27
CA LEU A 60 19.84 10.56 -3.10
C LEU A 60 18.42 10.01 -3.25
N ARG A 61 17.86 10.11 -4.46
CA ARG A 61 16.51 9.60 -4.71
C ARG A 61 16.45 8.06 -4.75
N ALA A 62 17.49 7.44 -5.31
CA ALA A 62 17.64 5.98 -5.20
C ALA A 62 17.76 5.53 -3.75
N LEU A 63 18.52 6.30 -2.98
CA LEU A 63 18.74 6.02 -1.55
C LEU A 63 17.40 6.07 -0.84
N ALA A 64 16.61 7.11 -1.15
CA ALA A 64 15.34 7.30 -0.47
C ALA A 64 14.43 6.13 -0.77
N ARG A 65 14.38 5.74 -2.04
CA ARG A 65 13.54 4.62 -2.43
C ARG A 65 13.95 3.33 -1.71
N HIS A 66 15.25 3.13 -1.60
CA HIS A 66 15.77 1.93 -0.94
C HIS A 66 15.39 1.92 0.54
N VAL A 67 15.52 3.08 1.18
CA VAL A 67 15.17 3.21 2.60
C VAL A 67 13.68 2.94 2.83
N HIS A 68 12.85 3.48 1.95
CA HIS A 68 11.42 3.26 2.05
C HIS A 68 11.09 1.77 1.86
N ASP A 69 11.77 1.13 0.91
CA ASP A 69 11.58 -0.31 0.69
C ASP A 69 11.97 -1.12 1.93
N LEU A 70 13.08 -0.76 2.57
CA LEU A 70 13.49 -1.43 3.80
C LEU A 70 12.48 -1.18 4.93
N SER A 71 11.93 0.03 4.97
CA SER A 71 10.92 0.37 5.96
C SER A 71 9.68 -0.50 5.76
N ASN A 72 9.21 -0.58 4.52
CA ASN A 72 8.07 -1.46 4.19
C ASN A 72 8.31 -2.95 4.51
N ALA A 73 9.53 -3.43 4.28
CA ALA A 73 9.84 -4.82 4.59
C ALA A 73 9.78 -5.06 6.10
N ALA A 74 10.25 -4.08 6.85
CA ALA A 74 10.24 -4.16 8.31
C ALA A 74 8.81 -4.15 8.83
N ILE A 75 7.94 -3.39 8.18
CA ILE A 75 6.54 -3.42 8.58
C ILE A 75 5.93 -4.80 8.33
N GLU A 76 6.18 -5.33 7.15
CA GLU A 76 5.64 -6.67 6.81
C GLU A 76 6.19 -7.72 7.77
N ARG A 77 7.50 -7.65 8.06
CA ARG A 77 8.15 -8.58 8.98
C ARG A 77 7.56 -8.46 10.40
N ALA A 78 7.29 -7.24 10.84
CA ALA A 78 6.72 -7.01 12.17
C ALA A 78 5.29 -7.57 12.31
N ASP A 79 4.58 -7.68 11.17
CA ASP A 79 3.23 -8.25 11.09
C ASP A 79 2.28 -7.62 12.10
N PRO A 80 1.92 -6.34 11.87
CA PRO A 80 1.21 -5.54 12.86
C PRO A 80 -0.16 -6.08 13.29
N THR A 81 -0.88 -6.75 12.41
CA THR A 81 -2.22 -7.22 12.79
C THR A 81 -2.20 -8.56 13.52
N SER A 82 -1.01 -9.12 13.71
CA SER A 82 -0.88 -10.40 14.39
C SER A 82 -0.69 -10.27 15.90
N GLY A 83 -1.60 -10.89 16.66
CA GLY A 83 -1.50 -10.88 18.11
C GLY A 83 -1.91 -9.56 18.74
N PRO A 84 -1.72 -9.44 20.07
CA PRO A 84 -2.14 -8.28 20.85
C PRO A 84 -1.48 -7.00 20.32
N VAL A 85 -2.24 -5.90 20.35
CA VAL A 85 -1.83 -4.64 19.76
C VAL A 85 -0.58 -4.03 20.38
N ASP A 86 -0.46 -4.13 21.70
CA ASP A 86 0.70 -3.55 22.38
C ASP A 86 2.01 -4.19 21.90
N ALA A 87 2.09 -5.52 22.00
CA ALA A 87 3.27 -6.24 21.55
C ALA A 87 3.53 -5.98 20.05
N ALA A 88 2.47 -5.91 19.26
CA ALA A 88 2.59 -5.70 17.82
C ALA A 88 3.18 -4.32 17.49
N LEU A 89 2.65 -3.27 18.11
CA LEU A 89 3.17 -1.92 17.87
C LEU A 89 4.63 -1.80 18.31
N ARG A 90 4.97 -2.45 19.42
CA ARG A 90 6.36 -2.48 19.85
C ARG A 90 7.29 -3.14 18.82
N ARG A 91 6.85 -4.24 18.19
CA ARG A 91 7.63 -4.85 17.11
C ARG A 91 7.81 -3.88 15.96
N VAL A 92 6.74 -3.17 15.61
CA VAL A 92 6.81 -2.21 14.51
C VAL A 92 7.79 -1.11 14.84
N VAL A 93 7.63 -0.54 16.02
CA VAL A 93 8.47 0.57 16.45
C VAL A 93 9.97 0.19 16.54
N GLU A 94 10.25 -0.97 17.12
CA GLU A 94 11.63 -1.45 17.26
C GLU A 94 12.30 -1.57 15.89
N SER A 95 11.61 -2.20 14.95
CA SER A 95 12.22 -2.44 13.66
C SER A 95 12.28 -1.17 12.78
N GLN A 96 11.34 -0.22 12.95
CA GLN A 96 11.49 1.08 12.27
C GLN A 96 12.70 1.81 12.89
N LEU A 97 12.85 1.79 14.21
CA LEU A 97 13.99 2.49 14.81
C LEU A 97 15.34 1.94 14.35
N ASP A 98 15.38 0.64 14.07
CA ASP A 98 16.61 -0.03 13.61
C ASP A 98 17.13 0.53 12.28
N LEU A 99 16.28 1.22 11.52
CA LEU A 99 16.72 1.87 10.27
C LEU A 99 17.70 3.01 10.53
N GLY A 100 17.57 3.63 11.69
CA GLY A 100 18.49 4.69 12.11
C GLY A 100 18.20 6.06 11.51
N PRO A 101 19.07 7.03 11.82
CA PRO A 101 18.81 8.43 11.47
C PRO A 101 18.83 8.74 9.98
N ILE A 102 19.20 7.79 9.11
CA ILE A 102 19.08 8.06 7.67
C ILE A 102 17.62 8.43 7.34
N VAL A 103 16.69 7.95 8.14
CA VAL A 103 15.29 8.25 7.88
C VAL A 103 15.05 9.75 8.00
N LEU A 104 15.62 10.37 9.03
CA LEU A 104 15.52 11.82 9.14
C LEU A 104 16.11 12.49 7.90
N PHE A 105 17.28 12.01 7.48
CA PHE A 105 17.91 12.56 6.29
C PHE A 105 16.98 12.52 5.07
N VAL A 106 16.40 11.34 4.80
CA VAL A 106 15.58 11.19 3.61
C VAL A 106 14.35 12.10 3.61
N TYR A 107 13.72 12.26 4.77
CA TYR A 107 12.54 13.11 4.85
C TYR A 107 12.85 14.60 4.85
N TYR A 108 14.06 14.98 5.28
CA TYR A 108 14.37 16.40 5.41
C TYR A 108 15.26 17.03 4.31
N GLU A 109 15.97 16.21 3.55
CA GLU A 109 16.81 16.72 2.47
C GLU A 109 15.88 17.21 1.36
N PRO A 110 15.90 18.51 1.08
CA PRO A 110 14.87 19.14 0.24
C PRO A 110 14.74 18.57 -1.18
N SER A 111 15.85 18.10 -1.76
CA SER A 111 15.82 17.69 -3.16
C SER A 111 15.26 16.29 -3.32
N ILE A 112 15.07 15.59 -2.21
CA ILE A 112 14.63 14.20 -2.28
C ILE A 112 13.12 14.06 -2.53
N LEU A 113 12.29 14.45 -1.57
CA LEU A 113 10.86 14.27 -1.74
C LEU A 113 10.23 15.35 -2.61
N ALA A 114 11.06 16.27 -3.10
CA ALA A 114 10.61 17.26 -4.07
C ALA A 114 10.15 16.59 -5.37
N ASP A 115 10.62 15.37 -5.60
CA ASP A 115 10.15 14.58 -6.75
C ASP A 115 8.77 13.98 -6.48
N PRO A 116 7.75 14.41 -7.23
CA PRO A 116 6.35 14.00 -7.02
C PRO A 116 6.15 12.50 -7.12
N GLU A 117 6.81 11.86 -8.08
CA GLU A 117 6.76 10.40 -8.22
C GLU A 117 7.21 9.70 -6.94
N LEU A 118 8.38 10.08 -6.44
CA LEU A 118 8.94 9.48 -5.24
C LEU A 118 8.06 9.80 -4.03
N ALA A 119 7.52 11.01 -3.97
CA ALA A 119 6.66 11.40 -2.86
C ALA A 119 5.43 10.50 -2.81
N ALA A 120 4.91 10.15 -3.99
CA ALA A 120 3.73 9.27 -4.07
C ALA A 120 4.07 7.84 -3.61
N TYR A 121 5.18 7.32 -4.09
CA TYR A 121 5.72 6.05 -3.63
C TYR A 121 5.87 6.01 -2.11
N PHE A 122 6.31 7.12 -1.54
CA PHE A 122 6.51 7.20 -0.09
C PHE A 122 5.22 7.10 0.70
N ASP A 123 4.10 7.43 0.07
CA ASP A 123 2.82 7.38 0.76
C ASP A 123 2.28 5.97 0.94
N ILE A 124 2.94 4.98 0.32
CA ILE A 124 2.44 3.61 0.29
C ILE A 124 3.24 2.64 1.19
N GLY A 125 2.54 1.91 2.05
CA GLY A 125 3.19 0.81 2.74
C GLY A 125 2.77 0.57 4.17
N ASP A 126 2.18 1.58 4.80
CA ASP A 126 1.91 1.50 6.24
C ASP A 126 0.46 1.20 6.54
N GLU A 127 -0.24 0.62 5.57
CA GLU A 127 -1.68 0.46 5.71
C GLU A 127 -2.05 -0.42 6.90
N ALA A 128 -1.21 -1.42 7.20
CA ALA A 128 -1.50 -2.33 8.31
C ALA A 128 -1.28 -1.64 9.67
N ILE A 129 -0.37 -0.67 9.71
CA ILE A 129 -0.16 0.06 10.96
C ILE A 129 -1.39 0.91 11.20
N VAL A 130 -1.88 1.51 10.14
CA VAL A 130 -3.08 2.34 10.26
C VAL A 130 -4.28 1.51 10.71
N GLU A 131 -4.40 0.29 10.18
CA GLU A 131 -5.48 -0.61 10.62
C GLU A 131 -5.45 -0.81 12.14
N VAL A 132 -4.27 -1.13 12.66
CA VAL A 132 -4.09 -1.40 14.08
C VAL A 132 -4.36 -0.17 14.97
N LEU A 133 -3.88 0.98 14.55
CA LEU A 133 -4.19 2.23 15.24
C LEU A 133 -5.69 2.49 15.19
N ASN A 134 -6.31 2.19 14.05
CA ASN A 134 -7.76 2.31 13.96
C ASN A 134 -8.46 1.39 14.96
N ARG A 135 -8.01 0.13 15.03
CA ARG A 135 -8.63 -0.86 15.90
C ARG A 135 -8.57 -0.43 17.37
N ALA A 136 -7.47 0.24 17.73
CA ALA A 136 -7.25 0.63 19.11
C ALA A 136 -7.66 2.08 19.40
N SER A 137 -8.33 2.73 18.45
CA SER A 137 -8.68 4.14 18.63
C SER A 137 -9.50 4.38 19.89
N TYR A 143 -10.89 13.39 15.82
CA TYR A 143 -9.62 13.45 15.11
C TYR A 143 -9.81 13.55 13.61
N PRO A 144 -9.29 14.63 13.01
CA PRO A 144 -9.39 14.90 11.58
C PRO A 144 -8.91 13.72 10.74
N PRO A 145 -9.17 13.75 9.42
CA PRO A 145 -8.76 12.69 8.51
C PRO A 145 -7.26 12.38 8.57
N GLY A 146 -6.92 11.13 8.86
CA GLY A 146 -5.54 10.68 8.78
C GLY A 146 -4.64 11.26 9.85
N TRP A 147 -5.23 11.76 10.92
CA TRP A 147 -4.45 12.40 11.97
C TRP A 147 -3.65 11.36 12.76
N ALA A 148 -4.31 10.28 13.17
CA ALA A 148 -3.64 9.23 13.94
C ALA A 148 -2.39 8.76 13.23
N ARG A 149 -2.48 8.55 11.92
CA ARG A 149 -1.31 8.13 11.14
C ARG A 149 -0.18 9.17 11.24
N ARG A 150 -0.53 10.43 11.13
CA ARG A 150 0.47 11.49 11.27
C ARG A 150 1.12 11.49 12.64
N VAL A 151 0.33 11.24 13.69
CA VAL A 151 0.86 11.30 15.04
C VAL A 151 1.83 10.15 15.27
N PHE A 152 1.50 8.97 14.74
CA PHE A 152 2.38 7.81 14.89
C PHE A 152 3.77 8.09 14.30
N TRP A 153 3.82 8.60 13.08
CA TRP A 153 5.10 8.87 12.44
C TRP A 153 5.80 10.08 13.05
N ALA A 154 5.02 10.98 13.65
CA ALA A 154 5.58 12.09 14.41
C ALA A 154 6.32 11.58 15.65
N LEU A 155 5.72 10.62 16.34
CA LEU A 155 6.38 10.02 17.49
C LEU A 155 7.60 9.23 17.05
N MET A 156 7.50 8.57 15.89
CA MET A 156 8.68 7.88 15.32
C MET A 156 9.80 8.87 15.06
N GLN A 157 9.47 10.03 14.51
CA GLN A 157 10.46 11.09 14.30
C GLN A 157 11.18 11.53 15.56
N ALA A 158 10.43 11.77 16.63
CA ALA A 158 11.04 12.10 17.91
C ALA A 158 11.94 10.95 18.35
N GLY A 159 11.52 9.72 18.07
CA GLY A 159 12.30 8.53 18.39
C GLY A 159 13.66 8.48 17.68
N TYR A 160 13.66 8.76 16.38
CA TYR A 160 14.90 8.80 15.65
C TYR A 160 15.85 9.86 16.22
N GLU A 161 15.30 11.00 16.60
CA GLU A 161 16.15 12.04 17.17
C GLU A 161 16.73 11.60 18.52
N ALA A 162 15.93 10.90 19.33
CA ALA A 162 16.40 10.40 20.62
C ALA A 162 17.48 9.35 20.44
N ALA A 163 17.28 8.47 19.46
CA ALA A 163 18.28 7.46 19.11
C ALA A 163 19.57 8.15 18.70
N LYS A 164 19.44 9.23 17.92
CA LYS A 164 20.58 10.05 17.53
C LYS A 164 21.38 10.55 18.72
N ASP A 165 20.69 10.82 19.83
CA ASP A 165 21.36 11.23 21.07
C ASP A 165 21.99 10.06 21.81
N GLY A 166 21.80 8.84 21.32
CA GLY A 166 22.39 7.67 21.94
C GLY A 166 21.54 7.07 23.03
N MET A 167 20.26 7.45 23.05
CA MET A 167 19.30 6.87 24.00
C MET A 167 19.02 5.41 23.63
N PRO A 168 18.90 4.51 24.63
CA PRO A 168 18.74 3.09 24.34
C PRO A 168 17.39 2.77 23.70
N ARG A 169 17.37 1.81 22.77
CA ARG A 169 16.13 1.51 22.05
C ARG A 169 14.96 1.25 22.99
N HIS A 170 15.18 0.46 24.02
CA HIS A 170 14.09 0.18 24.95
C HIS A 170 13.41 1.42 25.52
N GLN A 171 14.19 2.41 25.93
CA GLN A 171 13.58 3.60 26.51
C GLN A 171 12.80 4.45 25.47
N ILE A 172 13.29 4.46 24.24
CA ILE A 172 12.58 5.13 23.16
C ILE A 172 11.23 4.44 22.89
N VAL A 173 11.26 3.12 22.82
CA VAL A 173 10.06 2.36 22.51
C VAL A 173 9.02 2.60 23.61
N ASP A 174 9.42 2.52 24.87
CA ASP A 174 8.53 2.86 25.98
C ASP A 174 7.97 4.29 25.87
N ALA A 175 8.82 5.26 25.55
CA ALA A 175 8.36 6.65 25.43
C ALA A 175 7.33 6.80 24.31
N ILE A 176 7.55 6.09 23.20
CA ILE A 176 6.62 6.17 22.09
C ILE A 176 5.30 5.52 22.47
N MET A 177 5.35 4.35 23.09
CA MET A 177 4.12 3.64 23.44
C MET A 177 3.31 4.45 24.47
N THR A 178 3.99 5.03 25.44
CA THR A 178 3.29 5.87 26.41
C THR A 178 2.70 7.11 25.75
N SER A 179 3.43 7.68 24.80
CA SER A 179 2.94 8.89 24.13
C SER A 179 1.69 8.57 23.28
N LEU A 180 1.69 7.42 22.63
CA LEU A 180 0.56 6.96 21.83
C LEU A 180 -0.73 6.80 22.66
N THR A 181 -0.58 6.32 23.89
CA THR A 181 -1.74 6.02 24.73
C THR A 181 -2.15 7.17 25.66
N SER A 182 -1.21 8.06 25.99
CA SER A 182 -1.44 9.07 27.02
C SER A 182 -1.08 10.51 26.64
N GLY A 183 -0.35 10.68 25.54
CA GLY A 183 0.16 12.00 25.21
C GLY A 183 1.37 12.31 26.08
N ILE A 184 1.80 13.57 26.13
CA ILE A 184 2.99 13.87 26.91
C ILE A 184 2.73 14.72 28.14
N ILE A 185 1.52 15.26 28.26
CA ILE A 185 1.15 16.02 29.46
C ILE A 185 -0.24 15.63 29.92
N THR A 186 -0.60 15.99 31.15
CA THR A 186 -1.92 15.71 31.65
C THR A 186 -2.46 17.00 32.24
N LEU A 187 -3.52 17.53 31.64
CA LEU A 187 -4.11 18.77 32.09
C LEU A 187 -4.90 18.58 33.37
N PRO A 188 -4.95 19.61 34.22
CA PRO A 188 -5.81 19.61 35.42
C PRO A 188 -7.27 19.49 35.04
N GLY B 10 16.17 51.26 6.94
CA GLY B 10 16.82 51.80 5.76
C GLY B 10 16.67 50.86 4.57
N ALA B 11 17.26 51.26 3.45
CA ALA B 11 17.15 50.47 2.22
C ALA B 11 17.69 49.05 2.35
N ARG B 12 18.85 48.89 2.99
CA ARG B 12 19.45 47.57 3.09
C ARG B 12 18.66 46.65 4.01
N GLU B 13 18.16 47.21 5.11
CA GLU B 13 17.34 46.44 6.04
C GLU B 13 16.12 45.94 5.30
N ARG B 14 15.46 46.84 4.57
CA ARG B 14 14.25 46.50 3.83
C ARG B 14 14.52 45.44 2.76
N THR B 15 15.62 45.59 2.03
CA THR B 15 15.99 44.60 1.03
C THR B 15 16.23 43.22 1.62
N ARG B 16 16.93 43.17 2.76
CA ARG B 16 17.17 41.91 3.44
C ARG B 16 15.85 41.23 3.84
N ARG B 17 14.93 42.02 4.40
CA ARG B 17 13.63 41.50 4.82
C ARG B 17 12.82 41.01 3.62
N ALA B 18 12.89 41.73 2.51
CA ALA B 18 12.22 41.30 1.28
C ALA B 18 12.73 39.96 0.76
N ILE B 19 14.05 39.77 0.74
CA ILE B 19 14.65 38.52 0.29
C ILE B 19 14.26 37.35 1.20
N LEU B 20 14.35 37.57 2.51
CA LEU B 20 13.98 36.54 3.48
C LEU B 20 12.48 36.19 3.40
N ASP B 21 11.64 37.21 3.25
CA ASP B 21 10.21 36.99 3.16
C ASP B 21 9.88 36.22 1.88
N ALA B 22 10.58 36.55 0.79
CA ALA B 22 10.40 35.83 -0.46
C ALA B 22 10.89 34.38 -0.35
N ALA B 23 11.98 34.17 0.37
CA ALA B 23 12.51 32.84 0.56
C ALA B 23 11.51 32.00 1.36
N MET B 24 10.94 32.58 2.40
CA MET B 24 9.97 31.86 3.23
C MET B 24 8.76 31.37 2.42
N LEU B 25 8.32 32.18 1.45
CA LEU B 25 7.18 31.78 0.63
C LEU B 25 7.57 30.79 -0.46
N VAL B 26 8.66 31.08 -1.15
CA VAL B 26 9.05 30.30 -2.32
C VAL B 26 9.55 28.90 -1.93
N LEU B 27 10.41 28.83 -0.94
CA LEU B 27 10.99 27.53 -0.57
C LEU B 27 9.97 26.61 0.08
N ALA B 28 8.92 27.19 0.67
CA ALA B 28 7.86 26.35 1.25
C ALA B 28 7.09 25.54 0.21
N ASP B 29 7.16 25.93 -1.07
CA ASP B 29 6.40 25.23 -2.09
C ASP B 29 7.31 24.71 -3.18
N HIS B 30 8.53 25.22 -3.19
CA HIS B 30 9.50 24.89 -4.21
C HIS B 30 10.86 24.78 -3.52
N PRO B 31 11.09 23.67 -2.80
CA PRO B 31 12.28 23.53 -1.94
C PRO B 31 13.61 23.59 -2.68
N THR B 32 13.60 23.31 -3.98
CA THR B 32 14.82 23.36 -4.76
C THR B 32 14.99 24.66 -5.54
N ALA B 33 14.14 25.65 -5.29
CA ALA B 33 14.21 26.94 -6.01
C ALA B 33 15.60 27.58 -5.94
N ALA B 34 16.09 28.01 -7.09
CA ALA B 34 17.38 28.72 -7.16
C ALA B 34 17.35 30.09 -6.48
N LEU B 35 18.52 30.55 -6.06
CA LEU B 35 18.65 31.86 -5.44
C LEU B 35 18.08 32.95 -6.35
N GLY B 36 18.30 32.82 -7.66
CA GLY B 36 17.80 33.80 -8.62
C GLY B 36 16.29 33.83 -8.69
N ASP B 37 15.67 32.68 -8.48
CA ASP B 37 14.23 32.60 -8.50
C ASP B 37 13.69 33.30 -7.25
N ILE B 38 14.37 33.12 -6.12
CA ILE B 38 14.00 33.84 -4.91
C ILE B 38 14.19 35.35 -5.10
N ALA B 39 15.25 35.74 -5.81
CA ALA B 39 15.50 37.15 -6.09
C ALA B 39 14.29 37.77 -6.80
N ALA B 40 13.87 37.10 -7.86
CA ALA B 40 12.76 37.58 -8.65
C ALA B 40 11.50 37.77 -7.78
N ALA B 41 11.23 36.80 -6.91
CA ALA B 41 10.06 36.86 -6.03
C ALA B 41 10.17 38.00 -4.99
N ALA B 42 11.41 38.42 -4.73
CA ALA B 42 11.67 39.54 -3.82
C ALA B 42 11.69 40.87 -4.55
N GLY B 43 11.65 40.84 -5.88
CA GLY B 43 11.65 42.08 -6.65
C GLY B 43 13.04 42.71 -6.76
N VAL B 44 14.07 41.88 -6.63
CA VAL B 44 15.45 42.36 -6.74
C VAL B 44 16.23 41.53 -7.75
N GLY B 45 17.31 42.11 -8.26
CA GLY B 45 18.13 41.41 -9.23
C GLY B 45 19.00 40.33 -8.60
N ARG B 46 19.34 39.33 -9.41
CA ARG B 46 20.24 38.27 -8.97
C ARG B 46 21.54 38.88 -8.46
N SER B 47 21.98 39.94 -9.14
CA SER B 47 23.18 40.66 -8.77
C SER B 47 23.07 41.22 -7.35
N THR B 48 21.92 41.81 -7.05
CA THR B 48 21.66 42.38 -5.74
C THR B 48 21.61 41.31 -4.66
N VAL B 49 20.93 40.19 -4.94
CA VAL B 49 20.81 39.15 -3.93
C VAL B 49 22.19 38.63 -3.51
N HIS B 50 23.12 38.58 -4.44
CA HIS B 50 24.45 38.06 -4.14
C HIS B 50 25.28 38.99 -3.24
N ARG B 51 24.92 40.27 -3.20
CA ARG B 51 25.55 41.20 -2.26
C ARG B 51 25.02 40.98 -0.84
N TYR B 52 23.91 40.27 -0.74
CA TYR B 52 23.36 39.91 0.58
C TYR B 52 23.71 38.47 0.97
N TYR B 53 23.53 37.57 0.02
CA TYR B 53 23.85 36.16 0.22
C TYR B 53 24.63 35.65 -1.00
N PRO B 54 25.96 35.48 -0.86
CA PRO B 54 26.81 35.16 -2.01
C PRO B 54 26.47 33.80 -2.63
N GLU B 55 26.04 32.87 -1.80
CA GLU B 55 25.65 31.55 -2.25
C GLU B 55 24.31 31.16 -1.66
N ARG B 56 23.61 30.26 -2.32
CA ARG B 56 22.30 29.82 -1.87
C ARG B 56 22.34 29.33 -0.43
N THR B 57 23.37 28.56 -0.10
CA THR B 57 23.51 28.00 1.24
C THR B 57 23.56 29.10 2.32
N ASP B 58 24.08 30.28 1.98
CA ASP B 58 24.13 31.41 2.91
C ASP B 58 22.72 31.94 3.19
N LEU B 59 21.88 31.91 2.16
CA LEU B 59 20.50 32.35 2.32
C LEU B 59 19.74 31.35 3.19
N LEU B 60 20.03 30.06 2.99
CA LEU B 60 19.36 29.00 3.73
C LEU B 60 19.64 29.12 5.23
N ARG B 61 20.88 29.36 5.59
CA ARG B 61 21.25 29.55 6.99
C ARG B 61 20.62 30.84 7.58
N ALA B 62 20.68 31.93 6.82
CA ALA B 62 19.98 33.16 7.23
C ALA B 62 18.46 32.99 7.42
N LEU B 63 17.81 32.24 6.53
CA LEU B 63 16.37 32.03 6.62
C LEU B 63 16.07 31.25 7.90
N ALA B 64 16.88 30.23 8.15
CA ALA B 64 16.72 29.38 9.34
C ALA B 64 16.88 30.20 10.61
N ARG B 65 17.94 30.99 10.70
CA ARG B 65 18.04 31.98 11.78
C ARG B 65 16.75 32.85 11.91
N HIS B 66 16.30 33.42 10.80
CA HIS B 66 15.13 34.29 10.82
C HIS B 66 13.88 33.60 11.34
N VAL B 67 13.61 32.37 10.85
CA VAL B 67 12.49 31.59 11.33
C VAL B 67 12.58 31.23 12.81
N HIS B 68 13.77 30.82 13.28
CA HIS B 68 13.96 30.60 14.72
C HIS B 68 13.67 31.87 15.52
N ASP B 69 14.11 33.02 14.99
CA ASP B 69 13.79 34.32 15.60
C ASP B 69 12.27 34.55 15.69
N LEU B 70 11.57 34.28 14.60
CA LEU B 70 10.11 34.45 14.56
C LEU B 70 9.44 33.54 15.57
N SER B 71 9.98 32.33 15.70
CA SER B 71 9.43 31.35 16.62
C SER B 71 9.52 31.85 18.07
N ASN B 72 10.69 32.39 18.42
CA ASN B 72 10.90 32.98 19.74
C ASN B 72 10.00 34.18 20.00
N ALA B 73 9.86 35.04 19.01
CA ALA B 73 9.02 36.22 19.20
C ALA B 73 7.57 35.79 19.37
N ALA B 74 7.17 34.74 18.65
CA ALA B 74 5.79 34.29 18.68
C ALA B 74 5.41 33.67 20.03
N ILE B 75 6.31 32.90 20.61
CA ILE B 75 6.06 32.31 21.92
C ILE B 75 5.88 33.40 22.96
N GLU B 76 6.70 34.44 22.83
CA GLU B 76 6.65 35.59 23.72
C GLU B 76 5.30 36.31 23.57
N ARG B 77 4.88 36.50 22.32
CA ARG B 77 3.65 37.24 21.99
C ARG B 77 2.41 36.50 22.48
N ALA B 78 2.53 35.20 22.69
CA ALA B 78 1.42 34.39 23.16
C ALA B 78 1.15 34.51 24.66
N ASP B 79 1.92 35.36 25.35
CA ASP B 79 1.78 35.53 26.80
C ASP B 79 1.61 34.18 27.48
N PRO B 80 2.62 33.30 27.33
CA PRO B 80 2.48 31.88 27.64
C PRO B 80 2.16 31.60 29.11
N THR B 81 2.28 32.58 29.99
CA THR B 81 2.03 32.31 31.40
C THR B 81 0.76 32.99 31.92
N SER B 82 0.02 33.64 31.05
CA SER B 82 -1.17 34.38 31.46
C SER B 82 -2.40 33.49 31.48
N GLY B 83 -3.11 33.44 32.60
CA GLY B 83 -4.39 32.75 32.66
C GLY B 83 -4.34 31.24 32.67
N PRO B 84 -5.51 30.59 32.47
CA PRO B 84 -5.62 29.13 32.46
C PRO B 84 -4.57 28.45 31.58
N VAL B 85 -3.92 27.41 32.10
CA VAL B 85 -2.78 26.82 31.40
C VAL B 85 -3.18 26.15 30.09
N ASP B 86 -4.41 25.66 30.01
CA ASP B 86 -4.87 25.03 28.76
C ASP B 86 -5.04 26.04 27.63
N ALA B 87 -5.69 27.16 27.93
CA ALA B 87 -5.82 28.24 26.95
C ALA B 87 -4.46 28.82 26.58
N ALA B 88 -3.56 28.93 27.56
CA ALA B 88 -2.22 29.44 27.29
C ALA B 88 -1.47 28.51 26.34
N LEU B 89 -1.55 27.21 26.60
CA LEU B 89 -0.90 26.23 25.73
C LEU B 89 -1.48 26.31 24.31
N ARG B 90 -2.80 26.47 24.22
CA ARG B 90 -3.42 26.64 22.91
C ARG B 90 -2.87 27.86 22.17
N ARG B 91 -2.70 28.98 22.87
CA ARG B 91 -2.12 30.17 22.24
C ARG B 91 -0.70 29.89 21.73
N VAL B 92 0.07 29.14 22.50
CA VAL B 92 1.44 28.79 22.08
C VAL B 92 1.43 27.94 20.83
N VAL B 93 0.58 26.91 20.80
CA VAL B 93 0.42 26.08 19.61
C VAL B 93 0.05 26.93 18.39
N GLU B 94 -0.95 27.79 18.55
CA GLU B 94 -1.36 28.66 17.45
C GLU B 94 -0.21 29.52 16.95
N SER B 95 0.52 30.11 17.90
CA SER B 95 1.62 31.01 17.59
C SER B 95 2.65 30.32 16.69
N GLN B 96 2.95 29.06 16.99
CA GLN B 96 3.89 28.29 16.17
C GLN B 96 3.28 27.77 14.87
N LEU B 97 2.02 27.35 14.90
CA LEU B 97 1.37 26.90 13.67
C LEU B 97 1.39 28.03 12.63
N ASP B 98 1.23 29.26 13.11
CA ASP B 98 1.09 30.40 12.21
C ASP B 98 2.42 30.77 11.52
N LEU B 99 3.51 30.14 11.92
CA LEU B 99 4.79 30.35 11.24
C LEU B 99 4.72 29.77 9.83
N GLY B 100 3.87 28.76 9.63
CA GLY B 100 3.69 28.18 8.31
C GLY B 100 4.65 27.05 7.99
N PRO B 101 4.45 26.44 6.81
CA PRO B 101 5.21 25.25 6.42
C PRO B 101 6.70 25.49 6.16
N ILE B 102 7.20 26.72 6.19
CA ILE B 102 8.65 26.90 6.04
C ILE B 102 9.40 26.22 7.18
N VAL B 103 8.72 26.05 8.31
CA VAL B 103 9.32 25.34 9.44
C VAL B 103 9.75 23.91 9.08
N LEU B 104 9.02 23.27 8.16
CA LEU B 104 9.42 21.94 7.68
C LEU B 104 10.73 22.01 6.92
N PHE B 105 10.94 23.13 6.26
CA PHE B 105 12.17 23.29 5.48
C PHE B 105 13.36 23.52 6.42
N VAL B 106 13.17 24.36 7.45
CA VAL B 106 14.33 24.74 8.28
C VAL B 106 14.59 23.91 9.55
N TYR B 107 13.60 23.12 9.97
CA TYR B 107 13.72 22.39 11.24
C TYR B 107 15.02 21.59 11.40
N TYR B 108 15.34 20.76 10.42
CA TYR B 108 16.47 19.80 10.52
C TYR B 108 17.71 20.35 9.80
N GLU B 109 17.64 21.61 9.39
CA GLU B 109 18.73 22.23 8.62
C GLU B 109 20.13 22.23 9.25
N PRO B 110 20.26 22.45 10.58
CA PRO B 110 21.60 22.33 11.14
C PRO B 110 22.21 20.95 10.88
N SER B 111 21.41 19.90 10.97
CA SER B 111 21.89 18.55 10.68
C SER B 111 22.14 18.39 9.20
N ILE B 112 21.18 18.81 8.39
CA ILE B 112 21.30 18.65 6.93
C ILE B 112 22.55 19.34 6.41
N LEU B 113 22.87 20.52 6.95
CA LEU B 113 24.04 21.28 6.51
C LEU B 113 25.27 21.00 7.35
N ALA B 114 25.16 20.09 8.30
CA ALA B 114 26.26 19.86 9.23
C ALA B 114 26.83 21.19 9.73
N ASP B 115 25.98 22.00 10.33
CA ASP B 115 26.31 23.38 10.71
C ASP B 115 26.07 23.55 12.20
N PRO B 116 27.08 23.22 13.01
CA PRO B 116 27.02 23.29 14.48
C PRO B 116 26.73 24.71 14.95
N GLU B 117 27.17 25.70 14.18
CA GLU B 117 26.86 27.07 14.55
C GLU B 117 25.36 27.36 14.49
N LEU B 118 24.68 26.80 13.47
CA LEU B 118 23.25 27.00 13.35
C LEU B 118 22.55 26.19 14.45
N ALA B 119 23.12 25.05 14.80
CA ALA B 119 22.56 24.24 15.88
C ALA B 119 22.60 25.03 17.20
N ALA B 120 23.71 25.72 17.45
CA ALA B 120 23.85 26.56 18.64
C ALA B 120 22.85 27.71 18.63
N TYR B 121 22.64 28.29 17.44
CA TYR B 121 21.64 29.36 17.31
C TYR B 121 20.24 28.89 17.69
N PHE B 122 19.85 27.71 17.19
CA PHE B 122 18.54 27.12 17.43
C PHE B 122 18.33 26.77 18.91
N ASP B 123 19.42 26.50 19.61
CA ASP B 123 19.34 26.15 21.03
C ASP B 123 18.75 27.28 21.87
N ILE B 124 19.02 28.52 21.47
CA ILE B 124 18.66 29.66 22.33
C ILE B 124 17.17 29.86 22.33
N GLY B 125 16.57 29.76 23.51
CA GLY B 125 15.12 29.89 23.63
C GLY B 125 14.36 28.57 23.52
N ASP B 126 15.08 27.48 23.27
CA ASP B 126 14.40 26.21 23.01
C ASP B 126 13.88 25.49 24.26
N GLU B 127 14.16 26.02 25.45
CA GLU B 127 13.57 25.44 26.67
C GLU B 127 12.23 26.05 27.08
N ALA B 128 11.87 27.20 26.51
CA ALA B 128 10.63 27.87 26.90
C ALA B 128 9.40 26.98 26.69
N ILE B 129 9.31 26.35 25.53
CA ILE B 129 8.20 25.42 25.24
C ILE B 129 8.08 24.30 26.27
N VAL B 130 9.21 23.77 26.70
CA VAL B 130 9.25 22.72 27.70
C VAL B 130 8.73 23.22 29.05
N GLU B 131 9.12 24.45 29.41
CA GLU B 131 8.62 25.06 30.65
C GLU B 131 7.12 25.21 30.58
N VAL B 132 6.63 25.62 29.41
CA VAL B 132 5.20 25.82 29.21
C VAL B 132 4.45 24.48 29.31
N LEU B 133 5.02 23.42 28.74
CA LEU B 133 4.40 22.10 28.78
C LEU B 133 4.40 21.50 30.19
N ASN B 134 5.55 21.59 30.84
CA ASN B 134 5.70 21.04 32.19
C ASN B 134 4.84 21.77 33.19
N ARG B 135 4.67 23.06 32.97
CA ARG B 135 3.88 23.89 33.88
CA ARG B 135 3.90 23.82 33.93
C ARG B 135 2.40 23.77 33.59
N ALA B 136 2.05 22.99 32.57
CA ALA B 136 0.64 22.72 32.28
C ALA B 136 0.30 21.27 32.60
N SER B 137 1.26 20.55 33.19
CA SER B 137 1.07 19.11 33.40
C SER B 137 1.09 18.74 34.87
N THR B 138 0.19 17.83 35.25
CA THR B 138 0.05 17.40 36.63
C THR B 138 0.97 16.23 36.95
N GLU B 139 1.58 15.65 35.93
CA GLU B 139 2.50 14.53 36.13
C GLU B 139 3.89 14.84 35.58
N ARG B 140 4.80 13.87 35.65
CA ARG B 140 6.11 13.99 35.01
C ARG B 140 6.27 12.93 33.89
N TYR B 143 9.50 10.48 31.09
CA TYR B 143 10.07 10.64 29.76
C TYR B 143 11.52 11.10 29.82
N PRO B 144 12.36 10.53 28.94
CA PRO B 144 13.76 10.88 28.73
C PRO B 144 14.00 12.34 28.36
N PRO B 145 15.24 12.82 28.56
CA PRO B 145 15.64 14.19 28.24
C PRO B 145 15.32 14.60 26.81
N GLY B 146 14.63 15.73 26.67
CA GLY B 146 14.34 16.29 25.36
C GLY B 146 13.10 15.70 24.70
N TRP B 147 12.47 14.71 25.33
CA TRP B 147 11.35 13.99 24.71
C TRP B 147 10.19 14.94 24.44
N ALA B 148 9.80 15.73 25.44
CA ALA B 148 8.66 16.59 25.29
C ALA B 148 8.94 17.61 24.20
N ARG B 149 10.14 18.17 24.18
CA ARG B 149 10.47 19.15 23.15
C ARG B 149 10.32 18.54 21.75
N ARG B 150 10.92 17.38 21.56
CA ARG B 150 10.88 16.71 20.27
C ARG B 150 9.49 16.29 19.81
N VAL B 151 8.68 15.82 20.74
CA VAL B 151 7.31 15.47 20.41
C VAL B 151 6.51 16.73 20.04
N PHE B 152 6.71 17.81 20.78
CA PHE B 152 6.00 19.04 20.47
C PHE B 152 6.27 19.44 19.04
N TRP B 153 7.54 19.48 18.66
CA TRP B 153 7.90 19.92 17.32
C TRP B 153 7.51 18.91 16.25
N ALA B 154 7.51 17.62 16.58
CA ALA B 154 7.08 16.64 15.60
C ALA B 154 5.57 16.79 15.32
N LEU B 155 4.80 17.05 16.38
CA LEU B 155 3.38 17.24 16.22
C LEU B 155 3.11 18.54 15.48
N MET B 156 3.89 19.58 15.76
CA MET B 156 3.72 20.84 15.02
C MET B 156 3.88 20.58 13.53
N GLN B 157 4.87 19.76 13.17
CA GLN B 157 5.12 19.53 11.75
C GLN B 157 4.05 18.64 11.11
N ALA B 158 3.46 17.74 11.90
CA ALA B 158 2.28 17.02 11.44
C ALA B 158 1.20 18.07 11.13
N GLY B 159 1.15 19.11 11.96
CA GLY B 159 0.22 20.21 11.76
C GLY B 159 0.48 20.96 10.46
N TYR B 160 1.74 21.33 10.18
CA TYR B 160 2.02 22.01 8.91
C TYR B 160 1.66 21.14 7.71
N GLU B 161 1.90 19.84 7.83
CA GLU B 161 1.60 18.92 6.74
C GLU B 161 0.10 18.83 6.52
N ALA B 162 -0.65 18.70 7.61
CA ALA B 162 -2.10 18.62 7.52
C ALA B 162 -2.65 19.88 6.88
N ALA B 163 -2.01 21.01 7.15
CA ALA B 163 -2.43 22.31 6.63
C ALA B 163 -2.19 22.43 5.13
N LYS B 164 -1.09 21.87 4.64
CA LYS B 164 -0.87 21.80 3.21
C LYS B 164 -1.93 20.90 2.56
N ASP B 165 -2.44 19.94 3.34
CA ASP B 165 -3.47 19.03 2.86
C ASP B 165 -4.91 19.54 3.07
N GLY B 166 -5.04 20.83 3.35
CA GLY B 166 -6.37 21.43 3.41
C GLY B 166 -7.11 21.33 4.73
N MET B 167 -6.44 20.86 5.78
CA MET B 167 -7.08 20.82 7.09
C MET B 167 -7.16 22.24 7.63
N PRO B 168 -8.34 22.62 8.15
CA PRO B 168 -8.55 23.97 8.69
C PRO B 168 -7.74 24.22 9.96
N ARG B 169 -7.25 25.46 10.09
CA ARG B 169 -6.40 25.85 11.21
C ARG B 169 -6.98 25.42 12.55
N HIS B 170 -8.24 25.77 12.81
CA HIS B 170 -8.83 25.51 14.12
C HIS B 170 -8.81 24.03 14.48
N GLN B 171 -9.03 23.19 13.47
CA GLN B 171 -9.07 21.74 13.64
C GLN B 171 -7.68 21.14 13.90
N ILE B 172 -6.66 21.67 13.24
CA ILE B 172 -5.29 21.28 13.50
C ILE B 172 -4.89 21.63 14.94
N VAL B 173 -5.29 22.81 15.39
CA VAL B 173 -4.97 23.21 16.76
C VAL B 173 -5.63 22.26 17.76
N ASP B 174 -6.91 21.98 17.56
CA ASP B 174 -7.61 21.01 18.41
C ASP B 174 -6.91 19.64 18.43
N ALA B 175 -6.48 19.16 17.27
CA ALA B 175 -5.84 17.85 17.17
C ALA B 175 -4.50 17.84 17.86
N ILE B 176 -3.69 18.88 17.63
CA ILE B 176 -2.41 18.95 18.30
C ILE B 176 -2.64 18.99 19.80
N MET B 177 -3.59 19.81 20.26
CA MET B 177 -3.86 19.90 21.69
C MET B 177 -4.27 18.54 22.26
N THR B 178 -5.15 17.83 21.57
CA THR B 178 -5.62 16.52 22.03
C THR B 178 -4.49 15.48 22.03
N SER B 179 -3.66 15.50 21.00
CA SER B 179 -2.50 14.60 20.94
C SER B 179 -1.50 14.86 22.08
N LEU B 180 -1.25 16.12 22.41
CA LEU B 180 -0.34 16.45 23.50
C LEU B 180 -0.87 15.92 24.85
N THR B 181 -2.16 16.05 25.06
CA THR B 181 -2.74 15.82 26.39
C THR B 181 -3.40 14.46 26.56
N SER B 182 -3.51 13.67 25.50
CA SER B 182 -4.20 12.37 25.62
C SER B 182 -3.79 11.28 24.64
N GLY B 183 -2.97 11.60 23.65
CA GLY B 183 -2.52 10.59 22.71
C GLY B 183 -3.62 10.17 21.76
N ILE B 184 -3.50 8.99 21.15
CA ILE B 184 -4.43 8.59 20.07
C ILE B 184 -5.03 7.19 20.17
N ILE B 185 -4.47 6.30 20.98
CA ILE B 185 -5.01 4.95 21.08
C ILE B 185 -5.22 4.59 22.53
N THR B 186 -5.92 3.48 22.74
CA THR B 186 -6.08 2.90 24.07
C THR B 186 -5.73 1.41 24.04
N LEU B 187 -4.83 0.98 24.92
CA LEU B 187 -4.48 -0.44 25.01
C LEU B 187 -5.01 -1.07 26.30
N ALA C 11 -23.68 -47.15 1.61
CA ALA C 11 -25.03 -46.65 1.84
C ALA C 11 -25.00 -45.15 2.15
N ARG C 12 -24.43 -44.81 3.30
CA ARG C 12 -24.23 -43.42 3.67
C ARG C 12 -23.47 -42.71 2.55
N GLU C 13 -22.62 -43.48 1.85
CA GLU C 13 -21.82 -42.97 0.73
C GLU C 13 -22.65 -42.56 -0.48
N ARG C 14 -23.65 -43.37 -0.85
CA ARG C 14 -24.53 -43.00 -1.95
C ARG C 14 -25.27 -41.69 -1.68
N THR C 15 -25.81 -41.55 -0.47
CA THR C 15 -26.59 -40.36 -0.15
C THR C 15 -25.68 -39.13 -0.17
N ARG C 16 -24.50 -39.28 0.40
CA ARG C 16 -23.51 -38.20 0.41
C ARG C 16 -23.18 -37.83 -1.03
N ARG C 17 -23.00 -38.83 -1.88
CA ARG C 17 -22.73 -38.54 -3.28
C ARG C 17 -23.90 -37.83 -3.95
N ALA C 18 -25.13 -38.28 -3.66
CA ALA C 18 -26.30 -37.63 -4.26
C ALA C 18 -26.31 -36.16 -3.87
N ILE C 19 -26.02 -35.87 -2.61
CA ILE C 19 -26.05 -34.47 -2.12
C ILE C 19 -24.99 -33.59 -2.78
N LEU C 20 -23.77 -34.09 -2.84
CA LEU C 20 -22.68 -33.33 -3.42
C LEU C 20 -22.80 -33.14 -4.94
N ASP C 21 -23.31 -34.15 -5.65
CA ASP C 21 -23.60 -34.01 -7.08
C ASP C 21 -24.69 -32.95 -7.29
N ALA C 22 -25.72 -32.98 -6.44
CA ALA C 22 -26.82 -32.04 -6.59
C ALA C 22 -26.30 -30.63 -6.31
N ALA C 23 -25.39 -30.51 -5.33
CA ALA C 23 -24.76 -29.23 -5.02
C ALA C 23 -23.98 -28.72 -6.24
N MET C 24 -23.20 -29.59 -6.86
CA MET C 24 -22.49 -29.22 -8.09
C MET C 24 -23.43 -28.73 -9.17
N LEU C 25 -24.50 -29.48 -9.42
CA LEU C 25 -25.44 -29.16 -10.50
C LEU C 25 -26.15 -27.86 -10.21
N VAL C 26 -26.58 -27.69 -8.97
CA VAL C 26 -27.38 -26.53 -8.64
C VAL C 26 -26.54 -25.26 -8.44
N LEU C 27 -25.46 -25.35 -7.68
CA LEU C 27 -24.72 -24.13 -7.36
C LEU C 27 -23.95 -23.59 -8.57
N ALA C 28 -23.66 -24.46 -9.53
CA ALA C 28 -22.93 -24.05 -10.74
C ALA C 28 -23.70 -22.97 -11.49
N ASP C 29 -25.03 -23.02 -11.40
CA ASP C 29 -25.89 -22.10 -12.12
C ASP C 29 -26.56 -21.10 -11.19
N HIS C 30 -26.78 -21.52 -9.95
CA HIS C 30 -27.48 -20.68 -8.97
C HIS C 30 -26.73 -20.69 -7.67
N PRO C 31 -25.66 -19.89 -7.59
CA PRO C 31 -24.72 -19.88 -6.46
C PRO C 31 -25.36 -19.49 -5.14
N THR C 32 -26.55 -18.92 -5.16
CA THR C 32 -27.14 -18.51 -3.91
C THR C 32 -28.31 -19.43 -3.57
N ALA C 33 -28.43 -20.53 -4.30
CA ALA C 33 -29.57 -21.45 -4.11
C ALA C 33 -29.73 -21.87 -2.65
N ALA C 34 -30.98 -21.97 -2.21
CA ALA C 34 -31.29 -22.44 -0.85
C ALA C 34 -30.93 -23.92 -0.70
N LEU C 35 -30.66 -24.35 0.53
CA LEU C 35 -30.31 -25.75 0.75
C LEU C 35 -31.49 -26.62 0.34
N GLY C 36 -32.69 -26.05 0.37
CA GLY C 36 -33.87 -26.73 -0.09
C GLY C 36 -33.77 -27.13 -1.55
N ASP C 37 -33.27 -26.23 -2.39
CA ASP C 37 -33.10 -26.52 -3.82
C ASP C 37 -32.08 -27.63 -4.03
N ILE C 38 -31.03 -27.64 -3.23
CA ILE C 38 -30.01 -28.67 -3.35
C ILE C 38 -30.57 -30.01 -2.92
N ALA C 39 -31.24 -30.04 -1.78
CA ALA C 39 -31.87 -31.26 -1.30
C ALA C 39 -32.82 -31.85 -2.35
N ALA C 40 -33.69 -31.01 -2.90
CA ALA C 40 -34.63 -31.47 -3.91
C ALA C 40 -33.94 -32.11 -5.11
N ALA C 41 -32.87 -31.46 -5.59
CA ALA C 41 -32.15 -31.96 -6.74
C ALA C 41 -31.43 -33.29 -6.45
N ALA C 42 -31.22 -33.58 -5.18
CA ALA C 42 -30.56 -34.82 -4.78
C ALA C 42 -31.57 -35.91 -4.48
N GLY C 43 -32.83 -35.54 -4.42
CA GLY C 43 -33.87 -36.51 -4.12
C GLY C 43 -34.02 -36.77 -2.64
N VAL C 44 -33.52 -35.85 -1.82
CA VAL C 44 -33.57 -36.01 -0.37
C VAL C 44 -34.20 -34.79 0.32
N GLY C 45 -34.61 -34.97 1.57
CA GLY C 45 -35.15 -33.85 2.35
C GLY C 45 -34.09 -32.96 2.95
N ARG C 46 -34.47 -31.76 3.40
CA ARG C 46 -33.52 -30.86 4.06
C ARG C 46 -32.83 -31.51 5.26
N SER C 47 -33.59 -32.23 6.07
CA SER C 47 -33.03 -32.81 7.28
C SER C 47 -31.89 -33.77 6.93
N THR C 48 -32.04 -34.47 5.80
CA THR C 48 -30.98 -35.32 5.31
C THR C 48 -29.70 -34.52 5.12
N VAL C 49 -29.75 -33.45 4.33
CA VAL C 49 -28.57 -32.66 4.07
C VAL C 49 -27.93 -32.18 5.39
N HIS C 50 -28.79 -31.72 6.29
CA HIS C 50 -28.42 -31.22 7.61
C HIS C 50 -27.67 -32.27 8.42
N ARG C 51 -28.13 -33.51 8.32
CA ARG C 51 -27.52 -34.60 9.06
C ARG C 51 -26.07 -34.81 8.64
N TYR C 52 -25.78 -34.59 7.36
CA TYR C 52 -24.42 -34.72 6.86
C TYR C 52 -23.66 -33.42 7.00
N TYR C 53 -24.33 -32.31 6.78
CA TYR C 53 -23.70 -30.98 6.73
C TYR C 53 -24.53 -29.98 7.50
N PRO C 54 -24.28 -29.87 8.81
CA PRO C 54 -25.03 -29.03 9.74
C PRO C 54 -25.09 -27.56 9.32
N GLU C 55 -24.03 -27.06 8.69
CA GLU C 55 -23.98 -25.67 8.24
C GLU C 55 -23.63 -25.57 6.76
N ARG C 56 -24.06 -24.49 6.12
CA ARG C 56 -23.84 -24.30 4.69
C ARG C 56 -22.36 -24.37 4.39
N THR C 57 -21.55 -23.83 5.29
CA THR C 57 -20.12 -23.85 5.10
C THR C 57 -19.61 -25.30 5.06
N ASP C 58 -20.15 -26.15 5.93
CA ASP C 58 -19.80 -27.58 5.90
C ASP C 58 -20.02 -28.18 4.51
N LEU C 59 -21.20 -27.90 3.94
CA LEU C 59 -21.58 -28.44 2.64
C LEU C 59 -20.66 -27.88 1.56
N LEU C 60 -20.37 -26.57 1.63
CA LEU C 60 -19.55 -25.95 0.60
C LEU C 60 -18.11 -26.48 0.58
N ARG C 61 -17.54 -26.71 1.77
CA ARG C 61 -16.19 -27.29 1.84
C ARG C 61 -16.13 -28.77 1.43
N ALA C 62 -17.16 -29.55 1.78
CA ALA C 62 -17.26 -30.92 1.27
C ALA C 62 -17.40 -30.92 -0.24
N LEU C 63 -18.20 -29.98 -0.76
CA LEU C 63 -18.40 -29.84 -2.20
C LEU C 63 -17.07 -29.56 -2.87
N ALA C 64 -16.29 -28.65 -2.29
CA ALA C 64 -15.01 -28.26 -2.86
C ALA C 64 -14.08 -29.47 -2.90
N ARG C 65 -14.04 -30.22 -1.81
CA ARG C 65 -13.17 -31.39 -1.76
C ARG C 65 -13.57 -32.41 -2.82
N HIS C 66 -14.87 -32.58 -2.99
CA HIS C 66 -15.39 -33.53 -3.97
C HIS C 66 -15.03 -33.11 -5.39
N VAL C 67 -15.18 -31.82 -5.67
CA VAL C 67 -14.82 -31.30 -6.98
C VAL C 67 -13.32 -31.47 -7.28
N HIS C 68 -12.49 -31.15 -6.29
CA HIS C 68 -11.05 -31.35 -6.43
C HIS C 68 -10.71 -32.82 -6.69
N ASP C 69 -11.38 -33.73 -5.97
CA ASP C 69 -11.16 -35.17 -6.17
C ASP C 69 -11.56 -35.59 -7.61
N LEU C 70 -12.67 -35.07 -8.10
CA LEU C 70 -13.07 -35.34 -9.47
C LEU C 70 -12.07 -34.78 -10.47
N SER C 71 -11.53 -33.59 -10.17
CA SER C 71 -10.54 -32.98 -11.03
C SER C 71 -9.27 -33.84 -11.09
N ASN C 72 -8.79 -34.27 -9.92
CA ASN C 72 -7.65 -35.19 -9.87
C ASN C 72 -7.88 -36.51 -10.60
N ALA C 73 -9.08 -37.08 -10.49
CA ALA C 73 -9.35 -38.34 -11.19
C ALA C 73 -9.31 -38.13 -12.71
N ALA C 74 -9.82 -36.99 -13.16
CA ALA C 74 -9.79 -36.64 -14.58
C ALA C 74 -8.35 -36.46 -15.07
N ILE C 75 -7.50 -35.87 -14.25
CA ILE C 75 -6.09 -35.78 -14.62
C ILE C 75 -5.46 -37.16 -14.77
N GLU C 76 -5.70 -38.03 -13.79
CA GLU C 76 -5.15 -39.39 -13.86
C GLU C 76 -5.69 -40.12 -15.09
N ARG C 77 -6.99 -40.00 -15.34
CA ARG C 77 -7.62 -40.66 -16.50
C ARG C 77 -7.06 -40.11 -17.82
N ALA C 78 -6.79 -38.81 -17.87
CA ALA C 78 -6.24 -38.21 -19.08
C ALA C 78 -4.80 -38.67 -19.37
N ASP C 79 -4.10 -39.09 -18.32
CA ASP C 79 -2.73 -39.66 -18.41
C ASP C 79 -1.78 -38.75 -19.19
N PRO C 80 -1.44 -37.60 -18.61
CA PRO C 80 -0.76 -36.51 -19.33
C PRO C 80 0.61 -36.89 -19.91
N THR C 81 1.36 -37.77 -19.25
CA THR C 81 2.70 -38.09 -19.74
C THR C 81 2.70 -39.15 -20.83
N SER C 82 1.52 -39.66 -21.18
CA SER C 82 1.41 -40.70 -22.20
C SER C 82 1.22 -40.14 -23.61
N GLY C 83 2.14 -40.50 -24.50
CA GLY C 83 2.02 -40.07 -25.89
C GLY C 83 2.41 -38.62 -26.11
N PRO C 84 2.23 -38.13 -27.35
CA PRO C 84 2.61 -36.78 -27.75
C PRO C 84 1.94 -35.72 -26.89
N VAL C 85 2.68 -34.66 -26.59
CA VAL C 85 2.25 -33.61 -25.67
C VAL C 85 0.98 -32.89 -26.11
N ASP C 86 0.85 -32.61 -27.40
CA ASP C 86 -0.32 -31.87 -27.88
C ASP C 86 -1.61 -32.64 -27.60
N ALA C 87 -1.68 -33.88 -28.08
CA ALA C 87 -2.83 -34.72 -27.85
C ALA C 87 -3.09 -34.89 -26.34
N ALA C 88 -2.02 -35.06 -25.56
CA ALA C 88 -2.14 -35.27 -24.12
C ALA C 88 -2.74 -34.05 -23.41
N LEU C 89 -2.23 -32.86 -23.70
CA LEU C 89 -2.79 -31.64 -23.08
C LEU C 89 -4.24 -31.41 -23.46
N ARG C 90 -4.58 -31.76 -24.69
CA ARG C 90 -5.97 -31.64 -25.13
C ARG C 90 -6.89 -32.59 -24.35
N ARG C 91 -6.44 -33.82 -24.10
CA ARG C 91 -7.18 -34.73 -23.23
C ARG C 91 -7.38 -34.14 -21.83
N VAL C 92 -6.33 -33.52 -21.28
CA VAL C 92 -6.40 -32.92 -19.96
C VAL C 92 -7.40 -31.77 -19.94
N VAL C 93 -7.25 -30.89 -20.91
CA VAL C 93 -8.13 -29.72 -21.01
C VAL C 93 -9.61 -30.10 -21.20
N GLU C 94 -9.87 -31.03 -22.10
CA GLU C 94 -11.25 -31.47 -22.37
C GLU C 94 -11.90 -31.98 -21.09
N SER C 95 -11.18 -32.84 -20.38
CA SER C 95 -11.78 -33.46 -19.20
C SER C 95 -11.86 -32.51 -17.98
N GLN C 96 -10.96 -31.54 -17.85
CA GLN C 96 -11.13 -30.49 -16.85
C GLN C 96 -12.35 -29.61 -17.21
N LEU C 97 -12.49 -29.26 -18.49
CA LEU C 97 -13.64 -28.44 -18.89
C LEU C 97 -14.98 -29.11 -18.58
N ASP C 98 -15.02 -30.44 -18.71
CA ASP C 98 -16.23 -31.24 -18.47
C ASP C 98 -16.77 -31.05 -17.03
N LEU C 99 -15.91 -30.64 -16.09
CA LEU C 99 -16.35 -30.37 -14.70
C LEU C 99 -17.36 -29.23 -14.65
N GLY C 100 -17.24 -28.29 -15.57
CA GLY C 100 -18.20 -27.21 -15.65
C GLY C 100 -17.93 -26.04 -14.70
N PRO C 101 -18.81 -25.03 -14.73
CA PRO C 101 -18.57 -23.80 -13.99
C PRO C 101 -18.58 -23.92 -12.47
N ILE C 102 -18.94 -25.08 -11.91
CA ILE C 102 -18.81 -25.23 -10.45
C ILE C 102 -17.36 -24.95 -10.02
N VAL C 103 -16.42 -25.15 -10.92
CA VAL C 103 -15.01 -24.94 -10.59
C VAL C 103 -14.79 -23.47 -10.28
N LEU C 104 -15.38 -22.59 -11.09
CA LEU C 104 -15.29 -21.17 -10.79
C LEU C 104 -15.89 -20.89 -9.43
N PHE C 105 -17.04 -21.47 -9.15
CA PHE C 105 -17.67 -21.31 -7.84
C PHE C 105 -16.75 -21.70 -6.68
N VAL C 106 -16.16 -22.90 -6.76
CA VAL C 106 -15.32 -23.39 -5.67
C VAL C 106 -14.12 -22.48 -5.40
N TYR C 107 -13.50 -22.00 -6.46
CA TYR C 107 -12.33 -21.14 -6.29
C TYR C 107 -12.64 -19.73 -5.84
N TYR C 108 -13.85 -19.25 -6.14
CA TYR C 108 -14.18 -17.85 -5.88
C TYR C 108 -15.07 -17.58 -4.66
N GLU C 109 -15.79 -18.59 -4.18
CA GLU C 109 -16.62 -18.42 -2.98
C GLU C 109 -15.70 -18.27 -1.77
N PRO C 110 -15.75 -17.10 -1.12
CA PRO C 110 -14.73 -16.71 -0.13
C PRO C 110 -14.59 -17.66 1.06
N SER C 111 -15.70 -18.26 1.50
CA SER C 111 -15.65 -19.09 2.70
C SER C 111 -15.05 -20.48 2.44
N ILE C 112 -14.87 -20.83 1.17
CA ILE C 112 -14.40 -22.17 0.83
C ILE C 112 -12.90 -22.37 1.05
N LEU C 113 -12.08 -21.70 0.24
CA LEU C 113 -10.63 -21.89 0.35
C LEU C 113 -10.02 -21.07 1.48
N ALA C 114 -10.87 -20.37 2.24
CA ALA C 114 -10.42 -19.70 3.45
C ALA C 114 -9.96 -20.70 4.50
N ASP C 115 -10.38 -21.96 4.36
CA ASP C 115 -9.91 -23.02 5.23
C ASP C 115 -8.51 -23.49 4.80
N PRO C 116 -7.50 -23.27 5.65
CA PRO C 116 -6.10 -23.59 5.33
C PRO C 116 -5.87 -25.07 4.99
N GLU C 117 -6.52 -25.97 5.72
CA GLU C 117 -6.45 -27.41 5.43
C GLU C 117 -6.90 -27.71 4.01
N LEU C 118 -8.06 -27.18 3.64
CA LEU C 118 -8.64 -27.43 2.33
C LEU C 118 -7.79 -26.79 1.25
N ALA C 119 -7.25 -25.61 1.54
CA ALA C 119 -6.39 -24.91 0.59
C ALA C 119 -5.14 -25.72 0.28
N ALA C 120 -4.60 -26.39 1.30
CA ALA C 120 -3.42 -27.25 1.14
C ALA C 120 -3.75 -28.48 0.31
N TYR C 121 -4.86 -29.13 0.62
CA TYR C 121 -5.38 -30.23 -0.20
C TYR C 121 -5.53 -29.82 -1.66
N PHE C 122 -5.98 -28.59 -1.89
CA PHE C 122 -6.19 -28.11 -3.25
C PHE C 122 -4.90 -27.97 -4.05
N ASP C 123 -3.76 -27.85 -3.35
CA ASP C 123 -2.49 -27.66 -4.03
C ASP C 123 -1.93 -28.97 -4.61
N ILE C 124 -2.58 -30.08 -4.31
CA ILE C 124 -2.08 -31.40 -4.67
C ILE C 124 -2.85 -32.07 -5.81
N GLY C 125 -2.15 -32.50 -6.85
CA GLY C 125 -2.76 -33.39 -7.82
C GLY C 125 -2.35 -33.18 -9.26
N ASP C 126 -1.78 -32.02 -9.56
CA ASP C 126 -1.51 -31.69 -10.96
C ASP C 126 -0.08 -31.88 -11.35
N GLU C 127 0.64 -32.68 -10.57
CA GLU C 127 2.08 -32.77 -10.75
C GLU C 127 2.46 -33.27 -12.14
N ALA C 128 1.64 -34.17 -12.70
CA ALA C 128 1.92 -34.71 -14.03
C ALA C 128 1.70 -33.67 -15.15
N ILE C 129 0.75 -32.78 -14.94
CA ILE C 129 0.54 -31.70 -15.90
C ILE C 129 1.77 -30.81 -15.89
N VAL C 130 2.26 -30.51 -14.70
CA VAL C 130 3.43 -29.66 -14.57
C VAL C 130 4.65 -30.30 -15.24
N GLU C 131 4.79 -31.62 -15.11
CA GLU C 131 5.88 -32.34 -15.77
C GLU C 131 5.86 -32.13 -17.30
N VAL C 132 4.68 -32.29 -17.89
CA VAL C 132 4.49 -32.15 -19.32
C VAL C 132 4.74 -30.71 -19.80
N LEU C 133 4.23 -29.72 -19.07
CA LEU C 133 4.52 -28.32 -19.35
C LEU C 133 6.02 -28.07 -19.25
N ASN C 134 6.66 -28.65 -18.23
CA ASN C 134 8.10 -28.54 -18.11
C ASN C 134 8.82 -29.13 -19.32
N ARG C 135 8.41 -30.33 -19.73
CA ARG C 135 9.03 -31.00 -20.86
C ARG C 135 8.94 -30.19 -22.15
N ALA C 136 7.83 -29.46 -22.30
CA ALA C 136 7.59 -28.69 -23.51
C ALA C 136 7.97 -27.21 -23.37
N SER C 137 8.67 -26.86 -22.29
CA SER C 137 8.99 -25.45 -22.05
C SER C 137 9.81 -24.84 -23.18
N TYR C 143 11.08 -17.35 -16.67
CA TYR C 143 9.80 -17.52 -15.99
C TYR C 143 10.00 -17.85 -14.52
N PRO C 144 9.46 -17.00 -13.64
CA PRO C 144 9.56 -17.14 -12.18
C PRO C 144 9.09 -18.52 -11.73
N PRO C 145 9.37 -18.87 -10.46
CA PRO C 145 8.98 -20.17 -9.89
C PRO C 145 7.49 -20.46 -10.05
N GLY C 146 7.17 -21.58 -10.68
CA GLY C 146 5.81 -22.08 -10.73
C GLY C 146 4.89 -21.22 -11.57
N TRP C 147 5.48 -20.42 -12.46
CA TRP C 147 4.67 -19.53 -13.27
C TRP C 147 3.89 -20.31 -14.32
N ALA C 148 4.55 -21.22 -15.04
CA ALA C 148 3.90 -22.00 -16.09
C ALA C 148 2.67 -22.69 -15.55
N ARG C 149 2.78 -23.26 -14.34
CA ARG C 149 1.61 -23.88 -13.72
C ARG C 149 0.46 -22.90 -13.53
N ARG C 150 0.78 -21.71 -13.05
CA ARG C 150 -0.25 -20.67 -12.90
C ARG C 150 -0.90 -20.29 -14.22
N VAL C 151 -0.10 -20.23 -15.29
CA VAL C 151 -0.63 -19.77 -16.56
C VAL C 151 -1.61 -20.83 -17.11
N PHE C 152 -1.26 -22.10 -16.92
CA PHE C 152 -2.11 -23.17 -17.40
C PHE C 152 -3.49 -23.09 -16.76
N TRP C 153 -3.53 -22.96 -15.44
CA TRP C 153 -4.83 -22.91 -14.77
C TRP C 153 -5.55 -21.58 -15.00
N ALA C 154 -4.78 -20.53 -15.33
CA ALA C 154 -5.38 -19.25 -15.73
C ALA C 154 -6.13 -19.39 -17.07
N LEU C 155 -5.51 -20.10 -18.01
CA LEU C 155 -6.16 -20.34 -19.29
C LEU C 155 -7.38 -21.25 -19.09
N MET C 156 -7.27 -22.21 -18.17
CA MET C 156 -8.41 -23.03 -17.82
C MET C 156 -9.56 -22.19 -17.29
N GLN C 157 -9.23 -21.23 -16.43
CA GLN C 157 -10.25 -20.31 -15.90
C GLN C 157 -10.98 -19.54 -17.01
N ALA C 158 -10.22 -18.95 -17.93
CA ALA C 158 -10.83 -18.30 -19.08
C ALA C 158 -11.72 -19.29 -19.84
N GLY C 159 -11.26 -20.53 -19.95
CA GLY C 159 -12.05 -21.58 -20.60
C GLY C 159 -13.38 -21.88 -19.92
N TYR C 160 -13.39 -21.98 -18.60
CA TYR C 160 -14.65 -22.17 -17.89
C TYR C 160 -15.61 -21.02 -18.14
N GLU C 161 -15.09 -19.79 -18.17
CA GLU C 161 -15.94 -18.63 -18.42
C GLU C 161 -16.53 -18.65 -19.83
N ALA C 162 -15.72 -19.06 -20.80
CA ALA C 162 -16.18 -19.22 -22.18
C ALA C 162 -17.25 -20.30 -22.30
N ALA C 163 -17.02 -21.43 -21.64
CA ALA C 163 -18.00 -22.51 -21.58
C ALA C 163 -19.30 -21.98 -21.00
N LYS C 164 -19.19 -21.16 -19.94
CA LYS C 164 -20.36 -20.50 -19.33
C LYS C 164 -21.15 -19.69 -20.32
N ASP C 165 -20.47 -19.11 -21.29
CA ASP C 165 -21.15 -18.38 -22.35
C ASP C 165 -21.78 -19.28 -23.41
N GLY C 166 -21.57 -20.59 -23.31
CA GLY C 166 -22.17 -21.52 -24.25
C GLY C 166 -21.31 -21.80 -25.46
N MET C 167 -20.03 -21.43 -25.37
CA MET C 167 -19.06 -21.69 -26.44
C MET C 167 -18.76 -23.20 -26.50
N PRO C 168 -18.63 -23.75 -27.72
CA PRO C 168 -18.45 -25.21 -27.86
C PRO C 168 -17.10 -25.66 -27.33
N ARG C 169 -17.05 -26.84 -26.73
CA ARG C 169 -15.80 -27.32 -26.12
C ARG C 169 -14.64 -27.28 -27.10
N HIS C 170 -14.84 -27.78 -28.30
CA HIS C 170 -13.74 -27.75 -29.28
C HIS C 170 -13.09 -26.37 -29.46
N GLN C 171 -13.89 -25.32 -29.53
CA GLN C 171 -13.31 -23.99 -29.76
C GLN C 171 -12.54 -23.47 -28.53
N ILE C 172 -13.00 -23.84 -27.34
CA ILE C 172 -12.29 -23.47 -26.12
C ILE C 172 -10.96 -24.20 -26.04
N VAL C 173 -10.98 -25.49 -26.37
CA VAL C 173 -9.76 -26.29 -26.30
C VAL C 173 -8.72 -25.73 -27.29
N ASP C 174 -9.16 -25.39 -28.50
CA ASP C 174 -8.25 -24.77 -29.48
C ASP C 174 -7.68 -23.42 -28.98
N ALA C 175 -8.54 -22.61 -28.38
CA ALA C 175 -8.11 -21.30 -27.86
C ALA C 175 -7.05 -21.46 -26.74
N ILE C 176 -7.27 -22.44 -25.89
CA ILE C 176 -6.34 -22.71 -24.80
C ILE C 176 -5.01 -23.20 -25.36
N MET C 177 -5.07 -24.14 -26.30
CA MET C 177 -3.83 -24.71 -26.84
C MET C 177 -3.03 -23.64 -27.59
N THR C 178 -3.71 -22.79 -28.34
CA THR C 178 -3.02 -21.70 -29.02
C THR C 178 -2.42 -20.69 -28.03
N SER C 179 -3.15 -20.42 -26.95
CA SER C 179 -2.68 -19.46 -25.98
C SER C 179 -1.45 -20.01 -25.24
N LEU C 180 -1.43 -21.31 -24.98
CA LEU C 180 -0.28 -21.96 -24.33
C LEU C 180 1.00 -21.84 -25.17
N THR C 181 0.86 -21.97 -26.47
CA THR C 181 2.02 -21.99 -27.36
C THR C 181 2.41 -20.61 -27.91
N SER C 182 1.46 -19.66 -27.95
CA SER C 182 1.68 -18.41 -28.66
C SER C 182 1.29 -17.14 -27.88
N GLY C 183 0.57 -17.30 -26.77
CA GLY C 183 0.01 -16.14 -26.09
C GLY C 183 -1.20 -15.63 -26.84
N ILE C 184 -1.63 -14.40 -26.54
CA ILE C 184 -2.82 -13.88 -27.21
C ILE C 184 -2.56 -12.70 -28.11
N ILE C 185 -1.36 -12.13 -28.07
CA ILE C 185 -0.99 -11.08 -29.01
C ILE C 185 0.40 -11.29 -29.57
N THR C 186 0.68 -10.62 -30.67
CA THR C 186 2.02 -10.69 -31.23
C THR C 186 2.56 -9.28 -31.39
N LEU C 187 3.62 -8.97 -30.67
CA LEU C 187 4.19 -7.63 -30.71
C LEU C 187 4.96 -7.39 -32.02
N GLY D 10 -16.45 15.81 2.98
CA GLY D 10 -17.11 15.97 4.27
C GLY D 10 -16.95 14.73 5.11
N ALA D 11 -17.54 14.75 6.29
CA ALA D 11 -17.44 13.64 7.23
C ALA D 11 -17.95 12.31 6.66
N ARG D 12 -19.12 12.35 6.02
CA ARG D 12 -19.70 11.11 5.52
C ARG D 12 -18.90 10.53 4.37
N GLU D 13 -18.42 11.40 3.49
CA GLU D 13 -17.59 10.95 2.39
C GLU D 13 -16.35 10.25 2.93
N ARG D 14 -15.72 10.88 3.93
CA ARG D 14 -14.49 10.36 4.52
C ARG D 14 -14.74 9.04 5.21
N THR D 15 -15.85 8.94 5.93
CA THR D 15 -16.21 7.70 6.62
C THR D 15 -16.45 6.55 5.63
N ARG D 16 -17.13 6.84 4.54
CA ARG D 16 -17.33 5.83 3.51
C ARG D 16 -16.02 5.34 2.92
N ARG D 17 -15.12 6.27 2.60
CA ARG D 17 -13.80 5.88 2.10
C ARG D 17 -13.01 5.05 3.11
N ALA D 18 -13.05 5.45 4.39
CA ALA D 18 -12.40 4.68 5.45
C ALA D 18 -12.89 3.22 5.53
N ILE D 19 -14.20 3.03 5.45
CA ILE D 19 -14.79 1.70 5.53
C ILE D 19 -14.41 0.86 4.32
N LEU D 20 -14.49 1.45 3.14
CA LEU D 20 -14.10 0.75 1.93
C LEU D 20 -12.63 0.40 1.93
N ASP D 21 -11.79 1.35 2.35
CA ASP D 21 -10.35 1.14 2.39
C ASP D 21 -10.02 0.04 3.39
N ALA D 22 -10.72 0.01 4.52
CA ALA D 22 -10.51 -1.04 5.51
C ALA D 22 -10.98 -2.39 4.96
N ALA D 23 -12.08 -2.38 4.22
CA ALA D 23 -12.58 -3.63 3.64
C ALA D 23 -11.59 -4.19 2.65
N MET D 24 -11.01 -3.32 1.82
CA MET D 24 -10.02 -3.76 0.83
C MET D 24 -8.82 -4.46 1.47
N LEU D 25 -8.38 -3.97 2.63
CA LEU D 25 -7.23 -4.57 3.30
C LEU D 25 -7.61 -5.84 4.04
N VAL D 26 -8.70 -5.77 4.80
CA VAL D 26 -9.10 -6.86 5.67
C VAL D 26 -9.58 -8.10 4.90
N LEU D 27 -10.43 -7.90 3.91
CA LEU D 27 -11.00 -9.04 3.18
C LEU D 27 -9.97 -9.72 2.29
N ALA D 28 -8.91 -8.99 1.91
CA ALA D 28 -7.85 -9.58 1.10
C ALA D 28 -7.07 -10.64 1.87
N ASP D 29 -7.13 -10.64 3.19
CA ASP D 29 -6.38 -11.61 3.98
C ASP D 29 -7.29 -12.43 4.87
N HIS D 30 -8.51 -11.96 5.03
CA HIS D 30 -9.49 -12.59 5.87
C HIS D 30 -10.85 -12.51 5.19
N PRO D 31 -11.07 -13.35 4.17
CA PRO D 31 -12.25 -13.25 3.30
C PRO D 31 -13.58 -13.43 4.03
N THR D 32 -13.56 -14.09 5.17
CA THR D 32 -14.80 -14.28 5.94
C THR D 32 -14.98 -13.26 7.06
N ALA D 33 -14.17 -12.20 7.06
CA ALA D 33 -14.25 -11.21 8.14
C ALA D 33 -15.64 -10.60 8.28
N ALA D 34 -16.11 -10.51 9.52
CA ALA D 34 -17.40 -9.87 9.78
C ALA D 34 -17.39 -8.35 9.54
N LEU D 35 -18.58 -7.81 9.28
CA LEU D 35 -18.72 -6.39 9.06
C LEU D 35 -18.17 -5.60 10.26
N GLY D 36 -18.41 -6.11 11.46
CA GLY D 36 -17.92 -5.47 12.67
C GLY D 36 -16.41 -5.44 12.76
N ASP D 37 -15.78 -6.46 12.21
CA ASP D 37 -14.33 -6.52 12.20
C ASP D 37 -13.78 -5.47 11.23
N ILE D 38 -14.45 -5.32 10.10
CA ILE D 38 -14.10 -4.27 9.15
C ILE D 38 -14.30 -2.89 9.77
N ALA D 39 -15.37 -2.74 10.54
CA ALA D 39 -15.64 -1.49 11.24
C ALA D 39 -14.45 -1.08 12.11
N ALA D 40 -14.04 -2.01 12.96
CA ALA D 40 -12.91 -1.78 13.83
C ALA D 40 -11.66 -1.34 13.04
N ALA D 41 -11.37 -2.03 11.94
CA ALA D 41 -10.20 -1.69 11.11
C ALA D 41 -10.33 -0.29 10.46
N ALA D 42 -11.56 0.20 10.36
CA ALA D 42 -11.83 1.51 9.80
C ALA D 42 -11.86 2.59 10.87
N GLY D 43 -11.85 2.17 12.13
CA GLY D 43 -11.86 3.11 13.24
C GLY D 43 -13.25 3.64 13.54
N VAL D 44 -14.28 2.91 13.14
CA VAL D 44 -15.67 3.30 13.40
C VAL D 44 -16.44 2.20 14.11
N GLY D 45 -17.53 2.58 14.78
CA GLY D 45 -18.34 1.61 15.50
C GLY D 45 -19.18 0.75 14.57
N ARG D 46 -19.53 -0.45 15.02
CA ARG D 46 -20.42 -1.34 14.29
C ARG D 46 -21.71 -0.60 13.95
N SER D 47 -22.19 0.18 14.92
CA SER D 47 -23.40 0.97 14.77
C SER D 47 -23.28 1.91 13.57
N THR D 48 -22.15 2.60 13.49
CA THR D 48 -21.88 3.52 12.42
C THR D 48 -21.78 2.83 11.06
N VAL D 49 -21.07 1.70 10.99
CA VAL D 49 -20.95 1.00 9.71
C VAL D 49 -22.32 0.60 9.14
N HIS D 50 -23.27 0.28 10.02
CA HIS D 50 -24.60 -0.14 9.58
C HIS D 50 -25.43 0.98 8.97
N ARG D 51 -25.10 2.22 9.31
CA ARG D 51 -25.75 3.37 8.68
C ARG D 51 -25.20 3.60 7.28
N TYR D 52 -24.09 2.97 6.96
CA TYR D 52 -23.54 3.03 5.61
C TYR D 52 -23.88 1.78 4.81
N TYR D 53 -23.71 0.61 5.44
CA TYR D 53 -23.98 -0.68 4.83
C TYR D 53 -24.75 -1.54 5.85
N PRO D 54 -26.07 -1.68 5.68
CA PRO D 54 -26.92 -2.33 6.69
C PRO D 54 -26.57 -3.80 6.88
N GLU D 55 -26.14 -4.44 5.80
CA GLU D 55 -25.74 -5.83 5.86
C GLU D 55 -24.39 -6.00 5.18
N ARG D 56 -23.65 -7.04 5.57
CA ARG D 56 -22.35 -7.32 5.01
C ARG D 56 -22.39 -7.37 3.47
N THR D 57 -23.41 -8.03 2.92
CA THR D 57 -23.53 -8.17 1.49
C THR D 57 -23.56 -6.79 0.78
N ASP D 58 -24.12 -5.77 1.44
CA ASP D 58 -24.17 -4.41 0.87
C ASP D 58 -22.78 -3.82 0.79
N LEU D 59 -21.94 -4.12 1.79
CA LEU D 59 -20.56 -3.67 1.77
C LEU D 59 -19.80 -4.36 0.64
N LEU D 60 -20.08 -5.64 0.46
CA LEU D 60 -19.38 -6.42 -0.57
C LEU D 60 -19.65 -5.87 -1.97
N ARG D 61 -20.91 -5.54 -2.23
CA ARG D 61 -21.27 -4.96 -3.52
C ARG D 61 -20.63 -3.58 -3.70
N ALA D 62 -20.73 -2.74 -2.68
CA ALA D 62 -20.03 -1.44 -2.71
C ALA D 62 -18.51 -1.56 -2.92
N LEU D 63 -17.88 -2.54 -2.27
CA LEU D 63 -16.44 -2.68 -2.41
C LEU D 63 -16.12 -3.05 -3.84
N ALA D 64 -16.93 -3.95 -4.41
CA ALA D 64 -16.71 -4.41 -5.77
C ALA D 64 -16.89 -3.25 -6.77
N ARG D 65 -17.97 -2.48 -6.63
CA ARG D 65 -18.07 -1.22 -7.35
C ARG D 65 -16.80 -0.33 -7.23
N HIS D 66 -16.33 -0.12 -6.00
CA HIS D 66 -15.18 0.77 -5.74
C HIS D 66 -13.91 0.26 -6.42
N VAL D 67 -13.66 -1.06 -6.31
CA VAL D 67 -12.52 -1.65 -7.01
C VAL D 67 -12.61 -1.54 -8.53
N HIS D 68 -13.79 -1.78 -9.11
CA HIS D 68 -13.96 -1.58 -10.55
C HIS D 68 -13.68 -0.13 -10.93
N ASP D 69 -14.14 0.80 -10.08
CA ASP D 69 -13.83 2.24 -10.26
C ASP D 69 -12.34 2.50 -10.27
N LEU D 70 -11.63 1.90 -9.31
CA LEU D 70 -10.19 2.08 -9.23
C LEU D 70 -9.48 1.51 -10.44
N SER D 71 -10.00 0.38 -10.93
CA SER D 71 -9.44 -0.25 -12.10
C SER D 71 -9.52 0.66 -13.33
N ASN D 72 -10.69 1.25 -13.53
CA ASN D 72 -10.91 2.21 -14.61
C ASN D 72 -10.02 3.42 -14.49
N ALA D 73 -9.91 3.98 -13.28
CA ALA D 73 -9.07 5.16 -13.11
C ALA D 73 -7.63 4.82 -13.38
N ALA D 74 -7.21 3.61 -13.00
CA ALA D 74 -5.82 3.21 -13.16
C ALA D 74 -5.42 3.02 -14.63
N ILE D 75 -6.32 2.43 -15.42
CA ILE D 75 -6.06 2.27 -16.85
C ILE D 75 -5.89 3.63 -17.50
N GLU D 76 -6.73 4.56 -17.08
CA GLU D 76 -6.67 5.92 -17.58
C GLU D 76 -5.34 6.59 -17.21
N ARG D 77 -4.94 6.41 -15.96
CA ARG D 77 -3.72 7.01 -15.43
C ARG D 77 -2.46 6.48 -16.11
N ALA D 78 -2.57 5.30 -16.71
CA ALA D 78 -1.44 4.66 -17.38
C ALA D 78 -1.16 5.23 -18.77
N ASP D 79 -1.91 6.26 -19.16
CA ASP D 79 -1.79 6.85 -20.50
C ASP D 79 -1.60 5.77 -21.56
N PRO D 80 -2.59 4.87 -21.70
CA PRO D 80 -2.45 3.61 -22.44
C PRO D 80 -2.14 3.78 -23.92
N THR D 81 -2.23 4.98 -24.45
CA THR D 81 -1.98 5.15 -25.88
C THR D 81 -0.72 5.96 -26.17
N SER D 82 0.01 6.33 -25.11
CA SER D 82 1.19 7.14 -25.29
C SER D 82 2.45 6.30 -25.55
N GLY D 83 3.15 6.58 -26.63
CA GLY D 83 4.44 5.97 -26.88
C GLY D 83 4.41 4.53 -27.35
N PRO D 84 5.58 3.86 -27.35
CA PRO D 84 5.71 2.46 -27.77
C PRO D 84 4.62 1.58 -27.15
N VAL D 85 4.02 0.73 -27.96
CA VAL D 85 2.88 -0.05 -27.49
C VAL D 85 3.26 -1.09 -26.42
N ASP D 86 4.50 -1.57 -26.47
CA ASP D 86 4.95 -2.55 -25.48
C ASP D 86 5.08 -1.93 -24.09
N ALA D 87 5.72 -0.76 -24.02
CA ALA D 87 5.86 -0.03 -22.77
C ALA D 87 4.49 0.43 -22.27
N ALA D 88 3.60 0.77 -23.19
CA ALA D 88 2.26 1.19 -22.78
C ALA D 88 1.51 0.02 -22.15
N LEU D 89 1.60 -1.15 -22.78
CA LEU D 89 0.97 -2.35 -22.26
C LEU D 89 1.54 -2.68 -20.87
N ARG D 90 2.85 -2.55 -20.73
CA ARG D 90 3.48 -2.77 -19.43
C ARG D 90 2.89 -1.84 -18.35
N ARG D 91 2.70 -0.56 -18.68
CA ARG D 91 2.13 0.38 -17.73
C ARG D 91 0.72 -0.05 -17.34
N VAL D 92 -0.04 -0.56 -18.30
CA VAL D 92 -1.40 -1.01 -18.02
C VAL D 92 -1.38 -2.22 -17.06
N VAL D 93 -0.51 -3.18 -17.34
CA VAL D 93 -0.35 -4.33 -16.47
C VAL D 93 -0.01 -3.88 -15.04
N GLU D 94 0.96 -3.00 -14.91
CA GLU D 94 1.35 -2.49 -13.60
C GLU D 94 0.18 -1.84 -12.91
N SER D 95 -0.54 -0.99 -13.66
CA SER D 95 -1.65 -0.24 -13.08
C SER D 95 -2.67 -1.17 -12.45
N GLN D 96 -2.93 -2.30 -13.09
CA GLN D 96 -3.87 -3.30 -12.54
C GLN D 96 -3.25 -4.19 -11.46
N LEU D 97 -1.98 -4.55 -11.61
CA LEU D 97 -1.33 -5.33 -10.56
C LEU D 97 -1.37 -4.56 -9.24
N ASP D 98 -1.21 -3.24 -9.33
CA ASP D 98 -1.10 -2.40 -8.14
C ASP D 98 -2.42 -2.29 -7.37
N LEU D 99 -3.51 -2.78 -7.95
CA LEU D 99 -4.79 -2.80 -7.25
C LEU D 99 -4.74 -3.79 -6.08
N GLY D 100 -3.84 -4.76 -6.16
CA GLY D 100 -3.67 -5.71 -5.08
C GLY D 100 -4.63 -6.89 -5.10
N PRO D 101 -4.45 -7.82 -4.15
CA PRO D 101 -5.19 -9.08 -4.14
C PRO D 101 -6.68 -8.95 -3.82
N ILE D 102 -7.19 -7.76 -3.50
CA ILE D 102 -8.64 -7.64 -3.31
C ILE D 102 -9.37 -7.96 -4.62
N VAL D 103 -8.67 -7.81 -5.74
CA VAL D 103 -9.28 -8.14 -7.03
C VAL D 103 -9.69 -9.62 -7.10
N LEU D 104 -8.95 -10.49 -6.45
CA LEU D 104 -9.33 -11.91 -6.36
C LEU D 104 -10.65 -12.08 -5.62
N PHE D 105 -10.91 -11.21 -4.66
CA PHE D 105 -12.13 -11.30 -3.88
C PHE D 105 -13.32 -10.82 -4.71
N VAL D 106 -13.14 -9.73 -5.47
CA VAL D 106 -14.30 -9.13 -6.14
C VAL D 106 -14.54 -9.55 -7.60
N TYR D 107 -13.57 -10.19 -8.23
CA TYR D 107 -13.64 -10.46 -9.66
C TYR D 107 -14.91 -11.20 -10.07
N TYR D 108 -15.25 -12.25 -9.34
CA TYR D 108 -16.34 -13.16 -9.76
C TYR D 108 -17.58 -12.89 -8.92
N GLU D 109 -17.54 -11.80 -8.16
CA GLU D 109 -18.63 -11.45 -7.25
C GLU D 109 -20.04 -11.27 -7.87
N PRO D 110 -20.16 -10.71 -9.09
CA PRO D 110 -21.50 -10.65 -9.66
C PRO D 110 -22.10 -12.04 -9.79
N SER D 111 -21.28 -13.01 -10.19
CA SER D 111 -21.75 -14.39 -10.33
C SER D 111 -22.00 -15.00 -8.96
N ILE D 112 -21.02 -14.86 -8.06
CA ILE D 112 -21.17 -15.39 -6.71
C ILE D 112 -22.44 -14.92 -6.02
N LEU D 113 -22.77 -13.64 -6.18
CA LEU D 113 -23.96 -13.05 -5.55
C LEU D 113 -25.18 -13.06 -6.45
N ALA D 114 -25.05 -13.64 -7.64
CA ALA D 114 -26.16 -13.60 -8.59
C ALA D 114 -26.74 -12.19 -8.67
N ASP D 115 -25.86 -11.23 -9.00
CA ASP D 115 -26.20 -9.81 -8.96
C ASP D 115 -25.96 -9.23 -10.36
N PRO D 116 -26.97 -9.30 -11.22
CA PRO D 116 -26.92 -8.78 -12.59
C PRO D 116 -26.61 -7.29 -12.62
N GLU D 117 -27.07 -6.58 -11.60
CA GLU D 117 -26.78 -5.15 -11.54
C GLU D 117 -25.29 -4.89 -11.40
N LEU D 118 -24.61 -5.70 -10.59
CA LEU D 118 -23.19 -5.53 -10.39
C LEU D 118 -22.47 -5.98 -11.68
N ALA D 119 -23.02 -6.99 -12.36
CA ALA D 119 -22.45 -7.42 -13.63
C ALA D 119 -22.49 -6.28 -14.64
N ALA D 120 -23.61 -5.55 -14.66
CA ALA D 120 -23.78 -4.41 -15.56
C ALA D 120 -22.80 -3.30 -15.21
N TYR D 121 -22.56 -3.09 -13.91
CA TYR D 121 -21.61 -2.09 -13.47
C TYR D 121 -20.20 -2.42 -13.96
N PHE D 122 -19.80 -3.68 -13.80
CA PHE D 122 -18.47 -4.18 -14.21
C PHE D 122 -18.25 -4.04 -15.72
N ASP D 123 -19.33 -4.10 -16.50
CA ASP D 123 -19.24 -4.01 -17.95
C ASP D 123 -18.64 -2.67 -18.40
N ILE D 124 -18.93 -1.62 -17.65
CA ILE D 124 -18.59 -0.27 -18.12
C ILE D 124 -17.09 -0.07 -18.04
N GLY D 125 -16.47 0.18 -19.19
CA GLY D 125 -15.03 0.36 -19.26
C GLY D 125 -14.26 -0.93 -19.54
N ASP D 126 -14.98 -2.05 -19.65
CA ASP D 126 -14.29 -3.32 -19.78
C ASP D 126 -13.73 -3.63 -21.17
N GLU D 127 -13.99 -2.76 -22.15
CA GLU D 127 -13.42 -2.97 -23.49
C GLU D 127 -12.08 -2.26 -23.70
N ALA D 128 -11.73 -1.31 -22.82
CA ALA D 128 -10.51 -0.53 -22.98
C ALA D 128 -9.25 -1.41 -23.01
N ILE D 129 -9.17 -2.38 -22.10
CA ILE D 129 -8.07 -3.34 -22.08
C ILE D 129 -7.90 -4.10 -23.40
N VAL D 130 -9.02 -4.56 -23.97
CA VAL D 130 -9.05 -5.23 -25.26
C VAL D 130 -8.50 -4.31 -26.36
N GLU D 131 -8.91 -3.05 -26.35
CA GLU D 131 -8.43 -2.08 -27.34
C GLU D 131 -6.92 -1.94 -27.21
N VAL D 132 -6.46 -1.86 -25.97
CA VAL D 132 -5.03 -1.75 -25.70
C VAL D 132 -4.26 -2.98 -26.17
N LEU D 133 -4.83 -4.17 -26.00
CA LEU D 133 -4.19 -5.42 -26.44
C LEU D 133 -4.18 -5.57 -27.95
N ASN D 134 -5.33 -5.30 -28.57
CA ASN D 134 -5.47 -5.43 -30.02
C ASN D 134 -4.60 -4.40 -30.72
N ARG D 135 -4.45 -3.26 -30.06
CA ARG D 135 -3.67 -2.12 -30.55
C ARG D 135 -2.19 -2.39 -30.45
N ALA D 136 -1.84 -3.45 -29.73
CA ALA D 136 -0.45 -3.79 -29.55
C ALA D 136 -0.10 -5.08 -30.28
N SER D 137 -1.03 -5.60 -31.08
CA SER D 137 -0.83 -6.88 -31.72
C SER D 137 -0.86 -6.79 -33.23
N THR D 138 0.05 -7.52 -33.87
CA THR D 138 0.18 -7.53 -35.32
C THR D 138 -0.74 -8.57 -35.97
N GLU D 139 -1.34 -9.44 -35.16
CA GLU D 139 -2.24 -10.46 -35.69
C GLU D 139 -3.63 -10.35 -35.06
N ARG D 140 -4.51 -11.28 -35.42
CA ARG D 140 -5.83 -11.37 -34.77
C ARG D 140 -5.99 -12.71 -34.04
N TYR D 143 -9.21 -15.89 -32.13
CA TYR D 143 -9.78 -16.16 -30.80
C TYR D 143 -11.23 -15.71 -30.73
N PRO D 144 -12.06 -16.52 -30.06
CA PRO D 144 -13.47 -16.28 -29.77
C PRO D 144 -13.73 -14.99 -28.98
N PRO D 145 -14.97 -14.48 -29.03
CA PRO D 145 -15.40 -13.28 -28.33
C PRO D 145 -15.10 -13.29 -26.83
N GLY D 146 -14.39 -12.26 -26.38
CA GLY D 146 -14.10 -12.09 -24.95
C GLY D 146 -12.88 -12.86 -24.49
N TRP D 147 -12.26 -13.62 -25.40
CA TRP D 147 -11.13 -14.46 -25.01
C TRP D 147 -10.00 -13.62 -24.44
N ALA D 148 -9.62 -12.56 -25.16
CA ALA D 148 -8.47 -11.75 -24.76
C ALA D 148 -8.75 -11.10 -23.42
N ARG D 149 -9.97 -10.63 -23.24
CA ARG D 149 -10.30 -9.99 -21.97
C ARG D 149 -10.16 -10.98 -20.83
N ARG D 150 -10.76 -12.15 -21.00
CA ARG D 150 -10.71 -13.19 -19.96
CA ARG D 150 -10.72 -13.18 -19.97
C ARG D 150 -9.30 -13.68 -19.63
N VAL D 151 -8.47 -13.82 -20.65
CA VAL D 151 -7.11 -14.28 -20.42
C VAL D 151 -6.31 -13.20 -19.69
N PHE D 152 -6.51 -11.94 -20.09
CA PHE D 152 -5.83 -10.86 -19.42
C PHE D 152 -6.13 -10.90 -17.94
N TRP D 153 -7.41 -11.02 -17.59
CA TRP D 153 -7.76 -10.97 -16.18
C TRP D 153 -7.35 -12.23 -15.43
N ALA D 154 -7.33 -13.37 -16.12
CA ALA D 154 -6.90 -14.59 -15.46
C ALA D 154 -5.40 -14.52 -15.17
N LEU D 155 -4.64 -13.96 -16.12
CA LEU D 155 -3.22 -13.79 -15.89
C LEU D 155 -2.96 -12.77 -14.79
N MET D 156 -3.77 -11.71 -14.74
CA MET D 156 -3.60 -10.72 -13.68
C MET D 156 -3.77 -11.40 -12.32
N GLN D 157 -4.74 -12.30 -12.22
CA GLN D 157 -4.99 -12.97 -10.95
C GLN D 157 -3.91 -13.99 -10.59
N ALA D 158 -3.32 -14.61 -11.60
CA ALA D 158 -2.13 -15.42 -11.37
C ALA D 158 -1.05 -14.50 -10.76
N GLY D 159 -1.01 -13.26 -11.24
CA GLY D 159 -0.12 -12.25 -10.70
C GLY D 159 -0.38 -11.93 -9.24
N TYR D 160 -1.64 -11.72 -8.87
CA TYR D 160 -1.93 -11.42 -7.46
C TYR D 160 -1.57 -12.57 -6.56
N GLU D 161 -1.77 -13.79 -7.07
CA GLU D 161 -1.47 -14.99 -6.29
C GLU D 161 0.03 -15.13 -6.10
N ALA D 162 0.78 -14.91 -7.17
CA ALA D 162 2.22 -14.99 -7.13
C ALA D 162 2.78 -13.98 -6.12
N ALA D 163 2.11 -12.84 -6.05
CA ALA D 163 2.51 -11.75 -5.18
C ALA D 163 2.27 -12.08 -3.72
N LYS D 164 1.15 -12.75 -3.42
CA LYS D 164 0.93 -13.24 -2.07
C LYS D 164 2.00 -14.28 -1.70
N ASP D 165 2.54 -14.96 -2.73
CA ASP D 165 3.58 -15.97 -2.53
C ASP D 165 5.00 -15.41 -2.57
N GLY D 166 5.13 -14.09 -2.45
CA GLY D 166 6.44 -13.49 -2.32
C GLY D 166 7.18 -13.20 -3.61
N MET D 167 6.53 -13.34 -4.76
CA MET D 167 7.18 -12.99 -6.01
C MET D 167 7.25 -11.47 -6.10
N PRO D 168 8.42 -10.94 -6.49
CA PRO D 168 8.62 -9.49 -6.62
C PRO D 168 7.82 -8.86 -7.75
N ARG D 169 7.31 -7.67 -7.52
CA ARG D 169 6.47 -6.96 -8.48
C ARG D 169 7.05 -6.98 -9.88
N HIS D 170 8.29 -6.54 -10.02
CA HIS D 170 8.89 -6.41 -11.34
C HIS D 170 8.89 -7.72 -12.11
N GLN D 171 9.14 -8.82 -11.39
CA GLN D 171 9.18 -10.16 -11.97
C GLN D 171 7.80 -10.67 -12.41
N ILE D 172 6.76 -10.34 -11.64
CA ILE D 172 5.40 -10.66 -12.01
C ILE D 172 4.99 -9.92 -13.29
N VAL D 173 5.39 -8.67 -13.39
CA VAL D 173 5.05 -7.87 -14.56
C VAL D 173 5.73 -8.46 -15.80
N ASP D 174 7.01 -8.76 -15.71
CA ASP D 174 7.73 -9.43 -16.80
C ASP D 174 7.06 -10.75 -17.23
N ALA D 175 6.59 -11.54 -16.26
CA ALA D 175 6.01 -12.85 -16.57
C ALA D 175 4.65 -12.68 -17.24
N ILE D 176 3.84 -11.78 -16.70
CA ILE D 176 2.55 -11.51 -17.33
C ILE D 176 2.79 -11.02 -18.75
N MET D 177 3.72 -10.09 -18.94
CA MET D 177 4.01 -9.56 -20.28
C MET D 177 4.45 -10.68 -21.23
N THR D 178 5.33 -11.55 -20.75
CA THR D 178 5.81 -12.65 -21.59
C THR D 178 4.70 -13.67 -21.91
N SER D 179 3.85 -13.95 -20.92
CA SER D 179 2.73 -14.85 -21.15
C SER D 179 1.73 -14.28 -22.19
N LEU D 180 1.47 -12.98 -22.14
CA LEU D 180 0.55 -12.36 -23.08
C LEU D 180 1.09 -12.44 -24.52
N THR D 181 2.40 -12.27 -24.65
CA THR D 181 2.99 -12.08 -25.97
C THR D 181 3.64 -13.32 -26.54
N SER D 182 3.77 -14.39 -25.75
CA SER D 182 4.46 -15.58 -26.26
C SER D 182 4.05 -16.93 -25.66
N GLY D 183 3.22 -16.92 -24.62
CA GLY D 183 2.78 -18.18 -24.02
C GLY D 183 3.90 -18.84 -23.22
N ILE D 184 3.80 -20.16 -23.01
CA ILE D 184 4.71 -20.85 -22.09
C ILE D 184 5.33 -22.14 -22.58
N ILE D 185 4.75 -22.77 -23.61
CA ILE D 185 5.32 -24.01 -24.11
C ILE D 185 5.55 -23.93 -25.61
N THR D 186 6.23 -24.94 -26.12
CA THR D 186 6.43 -25.08 -27.55
C THR D 186 6.12 -26.52 -27.97
N LEU D 187 5.24 -26.68 -28.94
CA LEU D 187 4.89 -28.01 -29.46
C LEU D 187 5.45 -28.22 -30.86
#